data_7E7Z
#
_entry.id   7E7Z
#
_cell.length_a   1.00
_cell.length_b   1.00
_cell.length_c   1.00
_cell.angle_alpha   90.00
_cell.angle_beta   90.00
_cell.angle_gamma   90.00
#
_symmetry.space_group_name_H-M   'P 1'
#
_entity_poly.entity_id   1
_entity_poly.type   'polypeptide(L)'
_entity_poly.pdbx_seq_one_letter_code
;PTMTARQRVWRAFENPHTSTMALVFYYVTGFFIAVSVIANVVETVPCGSSPGHIKELPCGERYAVAFFCLDTACVMIFTV
EYLLRLAAAPSRYRFVRSVMSIIDVVAILPYYIGLVMTDNEDVSGAFVTLRVFRVFRIFKFSRHSQGLRILGYTLKSCAS
ELGFLLFSLTMAIIIFATVMFYAEKGSSASKFTSIPAAFWYTIVTMTTLGYGDMVPKTIAGKIFGSICSLSGVLVIALPV
PVIVSNFSRIYHQNQ
;
_entity_poly.pdbx_strand_id   A,B,C,D
#
# COMPACT_ATOMS: atom_id res chain seq x y z
N PRO A 1 3.86 10.52 -53.99
CA PRO A 1 3.86 9.12 -54.44
C PRO A 1 4.30 8.96 -55.89
N THR A 2 5.55 9.35 -56.19
CA THR A 2 6.09 9.23 -57.53
C THR A 2 6.49 7.81 -57.88
N MET A 3 6.46 6.89 -56.91
CA MET A 3 6.87 5.51 -57.14
C MET A 3 5.75 4.54 -56.74
N THR A 4 6.07 3.24 -56.67
CA THR A 4 5.05 2.21 -56.54
C THR A 4 4.27 2.31 -55.23
N ALA A 5 3.28 1.43 -55.06
CA ALA A 5 2.33 1.53 -53.96
C ALA A 5 2.95 1.29 -52.59
N ARG A 6 4.19 0.78 -52.53
CA ARG A 6 4.78 0.41 -51.25
C ARG A 6 4.82 1.59 -50.29
N GLN A 7 5.38 2.72 -50.71
CA GLN A 7 5.52 3.86 -49.82
C GLN A 7 4.18 4.53 -49.55
N ARG A 8 3.31 4.60 -50.55
CA ARG A 8 2.02 5.26 -50.35
C ARG A 8 1.06 4.42 -49.52
N VAL A 9 1.36 3.14 -49.28
CA VAL A 9 0.55 2.34 -48.36
C VAL A 9 1.26 2.26 -47.01
N TRP A 10 2.59 2.39 -47.02
CA TRP A 10 3.33 2.44 -45.77
C TRP A 10 3.05 3.73 -45.01
N ARG A 11 2.89 4.84 -45.72
CA ARG A 11 2.51 6.09 -45.05
C ARG A 11 1.14 5.98 -44.41
N ALA A 12 0.25 5.16 -44.98
CA ALA A 12 -1.02 4.88 -44.32
C ALA A 12 -0.85 3.95 -43.13
N PHE A 13 0.05 2.96 -43.25
CA PHE A 13 0.30 2.06 -42.13
C PHE A 13 0.99 2.79 -40.98
N GLU A 14 2.04 3.56 -41.28
CA GLU A 14 2.76 4.27 -40.24
C GLU A 14 1.89 5.35 -39.60
N ASN A 15 1.10 6.05 -40.40
CA ASN A 15 0.22 7.12 -39.92
C ASN A 15 -1.23 6.70 -40.16
N PRO A 16 -1.91 6.16 -39.14
CA PRO A 16 -3.29 5.72 -39.34
C PRO A 16 -4.32 6.83 -39.23
N HIS A 17 -3.93 8.02 -38.78
CA HIS A 17 -4.85 9.14 -38.66
C HIS A 17 -4.97 9.95 -39.95
N THR A 18 -4.20 9.63 -40.97
CA THR A 18 -4.28 10.29 -42.26
C THR A 18 -5.14 9.46 -43.23
N SER A 19 -5.59 10.13 -44.29
CA SER A 19 -6.43 9.51 -45.31
C SER A 19 -7.71 8.93 -44.68
N THR A 20 -8.33 7.96 -45.36
CA THR A 20 -9.53 7.33 -44.84
C THR A 20 -9.36 5.81 -44.79
N MET A 21 -8.56 5.26 -45.70
CA MET A 21 -8.32 3.82 -45.68
C MET A 21 -7.48 3.42 -44.48
N ALA A 22 -6.52 4.27 -44.11
CA ALA A 22 -5.67 3.98 -42.95
C ALA A 22 -6.50 3.92 -41.67
N LEU A 23 -7.44 4.85 -41.51
CA LEU A 23 -8.29 4.85 -40.32
C LEU A 23 -9.15 3.60 -40.26
N VAL A 24 -9.71 3.19 -41.40
CA VAL A 24 -10.52 1.97 -41.44
C VAL A 24 -9.68 0.76 -41.09
N PHE A 25 -8.47 0.67 -41.63
CA PHE A 25 -7.58 -0.45 -41.31
C PHE A 25 -7.23 -0.47 -39.82
N TYR A 26 -6.93 0.71 -39.26
CA TYR A 26 -6.60 0.81 -37.84
C TYR A 26 -7.76 0.35 -36.98
N TYR A 27 -8.97 0.85 -37.27
CA TYR A 27 -10.15 0.46 -36.50
C TYR A 27 -10.44 -1.03 -36.63
N VAL A 28 -10.32 -1.58 -37.83
CA VAL A 28 -10.65 -3.01 -38.01
C VAL A 28 -9.63 -3.89 -37.30
N THR A 29 -8.35 -3.50 -37.33
CA THR A 29 -7.34 -4.28 -36.61
C THR A 29 -7.59 -4.21 -35.10
N GLY A 30 -7.88 -3.02 -34.58
CA GLY A 30 -8.19 -2.91 -33.16
C GLY A 30 -9.41 -3.73 -32.76
N PHE A 31 -10.47 -3.67 -33.58
CA PHE A 31 -11.67 -4.42 -33.29
C PHE A 31 -11.41 -5.93 -33.33
N PHE A 32 -10.61 -6.39 -34.28
CA PHE A 32 -10.32 -7.82 -34.36
C PHE A 32 -9.48 -8.28 -33.17
N ILE A 33 -8.50 -7.49 -32.75
CA ILE A 33 -7.72 -7.84 -31.58
C ILE A 33 -8.61 -7.92 -30.35
N ALA A 34 -9.47 -6.90 -30.18
CA ALA A 34 -10.35 -6.87 -29.01
C ALA A 34 -11.32 -8.05 -29.02
N VAL A 35 -11.89 -8.37 -30.18
CA VAL A 35 -12.83 -9.48 -30.24
C VAL A 35 -12.12 -10.81 -30.01
N SER A 36 -10.87 -10.93 -30.46
CA SER A 36 -10.12 -12.17 -30.21
C SER A 36 -9.86 -12.36 -28.72
N VAL A 37 -9.41 -11.30 -28.03
CA VAL A 37 -9.12 -11.44 -26.61
C VAL A 37 -10.40 -11.65 -25.81
N ILE A 38 -11.49 -11.00 -26.21
CA ILE A 38 -12.76 -11.20 -25.53
C ILE A 38 -13.28 -12.62 -25.76
N ALA A 39 -13.07 -13.15 -26.96
CA ALA A 39 -13.47 -14.52 -27.25
C ALA A 39 -12.68 -15.51 -26.40
N ASN A 40 -11.38 -15.26 -26.24
CA ASN A 40 -10.57 -16.13 -25.37
C ASN A 40 -11.08 -16.07 -23.93
N VAL A 41 -11.35 -14.87 -23.42
CA VAL A 41 -11.84 -14.72 -22.06
C VAL A 41 -13.18 -15.42 -21.90
N VAL A 42 -14.06 -15.31 -22.88
CA VAL A 42 -15.38 -15.92 -22.80
C VAL A 42 -15.30 -17.43 -22.86
N GLU A 43 -14.47 -17.97 -23.77
CA GLU A 43 -14.35 -19.42 -23.86
C GLU A 43 -13.66 -20.02 -22.64
N THR A 44 -12.86 -19.23 -21.92
CA THR A 44 -12.30 -19.73 -20.66
C THR A 44 -13.35 -19.81 -19.56
N VAL A 45 -14.48 -19.14 -19.71
CA VAL A 45 -15.56 -19.21 -18.72
C VAL A 45 -16.78 -19.90 -19.33
N HIS A 53 -27.65 -31.69 -15.95
CA HIS A 53 -26.52 -31.83 -16.86
C HIS A 53 -25.45 -32.72 -16.25
N ILE A 54 -24.57 -33.25 -17.10
CA ILE A 54 -23.50 -34.13 -16.62
C ILE A 54 -22.51 -33.36 -15.76
N LYS A 55 -22.20 -32.12 -16.15
CA LYS A 55 -21.25 -31.29 -15.42
C LYS A 55 -21.40 -29.86 -15.89
N GLU A 56 -20.80 -28.94 -15.14
CA GLU A 56 -20.76 -27.52 -15.52
C GLU A 56 -19.71 -27.36 -16.62
N LEU A 57 -20.13 -27.71 -17.83
CA LEU A 57 -19.22 -27.67 -18.97
C LEU A 57 -18.95 -26.22 -19.38
N PRO A 58 -17.69 -25.81 -19.50
CA PRO A 58 -17.40 -24.44 -19.95
C PRO A 58 -17.82 -24.21 -21.40
N CYS A 59 -17.62 -22.98 -21.88
CA CYS A 59 -18.02 -22.60 -23.23
C CYS A 59 -17.01 -23.02 -24.30
N GLY A 60 -16.15 -23.99 -24.00
CA GLY A 60 -15.15 -24.41 -24.95
C GLY A 60 -15.16 -25.89 -25.27
N GLU A 61 -16.18 -26.61 -24.82
CA GLU A 61 -16.33 -28.03 -25.15
C GLU A 61 -17.56 -28.31 -25.99
N ARG A 62 -18.75 -27.94 -25.50
CA ARG A 62 -19.94 -28.01 -26.35
C ARG A 62 -19.83 -27.01 -27.50
N TYR A 63 -19.41 -25.79 -27.19
CA TYR A 63 -18.98 -24.80 -28.17
C TYR A 63 -17.54 -25.07 -28.58
N ALA A 64 -16.89 -24.06 -29.16
CA ALA A 64 -15.50 -24.10 -29.63
C ALA A 64 -15.39 -24.85 -30.95
N VAL A 65 -16.45 -24.81 -31.75
CA VAL A 65 -16.33 -25.02 -33.18
C VAL A 65 -16.24 -23.62 -33.80
N ALA A 66 -17.27 -22.82 -33.58
CA ALA A 66 -17.23 -21.42 -33.99
C ALA A 66 -16.09 -20.67 -33.32
N PHE A 67 -15.93 -20.89 -32.00
CA PHE A 67 -14.82 -20.29 -31.28
C PHE A 67 -13.48 -20.69 -31.89
N PHE A 68 -13.43 -21.82 -32.59
CA PHE A 68 -12.25 -22.12 -33.39
C PHE A 68 -12.21 -21.24 -34.63
N CYS A 69 -13.24 -21.32 -35.47
CA CYS A 69 -13.24 -20.60 -36.74
C CYS A 69 -13.06 -19.11 -36.52
N LEU A 70 -13.91 -18.51 -35.67
CA LEU A 70 -13.75 -17.12 -35.28
C LEU A 70 -12.29 -16.81 -34.97
N ASP A 71 -11.70 -17.61 -34.08
CA ASP A 71 -10.31 -17.38 -33.69
C ASP A 71 -9.41 -17.37 -34.92
N THR A 72 -9.48 -18.42 -35.75
CA THR A 72 -8.59 -18.45 -36.89
C THR A 72 -8.84 -17.28 -37.82
N ALA A 73 -10.11 -16.86 -37.94
CA ALA A 73 -10.41 -15.68 -38.74
C ALA A 73 -9.56 -14.51 -38.28
N CYS A 74 -9.60 -14.22 -36.98
CA CYS A 74 -8.75 -13.17 -36.43
C CYS A 74 -7.30 -13.42 -36.80
N VAL A 75 -6.83 -14.64 -36.53
CA VAL A 75 -5.44 -14.98 -36.85
C VAL A 75 -5.17 -14.73 -38.32
N MET A 76 -6.09 -15.17 -39.18
CA MET A 76 -5.93 -14.96 -40.61
C MET A 76 -5.69 -13.49 -40.91
N ILE A 77 -6.54 -12.62 -40.35
CA ILE A 77 -6.39 -11.20 -40.59
C ILE A 77 -5.00 -10.75 -40.17
N PHE A 78 -4.58 -11.14 -38.96
CA PHE A 78 -3.24 -10.77 -38.51
C PHE A 78 -2.21 -11.17 -39.54
N THR A 79 -2.26 -12.44 -39.98
CA THR A 79 -1.28 -12.90 -40.94
C THR A 79 -1.26 -12.00 -42.16
N VAL A 80 -2.43 -11.75 -42.75
CA VAL A 80 -2.45 -11.01 -44.00
C VAL A 80 -1.94 -9.59 -43.76
N GLU A 81 -2.34 -8.98 -42.63
CA GLU A 81 -1.87 -7.62 -42.41
C GLU A 81 -0.38 -7.61 -42.18
N TYR A 82 0.16 -8.65 -41.52
CA TYR A 82 1.60 -8.77 -41.40
C TYR A 82 2.23 -8.87 -42.78
N LEU A 83 1.61 -9.65 -43.68
CA LEU A 83 2.10 -9.71 -45.05
C LEU A 83 2.05 -8.35 -45.70
N LEU A 84 1.00 -7.57 -45.42
CA LEU A 84 0.94 -6.21 -45.93
C LEU A 84 2.09 -5.38 -45.39
N ARG A 85 2.43 -5.56 -44.12
CA ARG A 85 3.57 -4.86 -43.54
C ARG A 85 4.89 -5.37 -44.10
N LEU A 86 4.88 -6.54 -44.74
CA LEU A 86 6.05 -7.02 -45.48
C LEU A 86 6.06 -6.55 -46.92
N ALA A 87 4.98 -5.94 -47.40
CA ALA A 87 4.91 -5.43 -48.76
C ALA A 87 5.10 -3.92 -48.85
N ALA A 88 5.45 -3.27 -47.73
CA ALA A 88 5.60 -1.82 -47.73
C ALA A 88 6.80 -1.35 -46.91
N ALA A 89 7.71 -2.25 -46.55
CA ALA A 89 8.82 -1.88 -45.69
C ALA A 89 10.09 -1.73 -46.52
N PRO A 90 10.62 -0.51 -46.66
CA PRO A 90 11.95 -0.36 -47.28
C PRO A 90 13.03 -1.08 -46.51
N SER A 91 12.88 -1.19 -45.20
CA SER A 91 13.82 -1.89 -44.32
C SER A 91 13.28 -3.26 -43.92
N ARG A 92 12.69 -3.97 -44.89
CA ARG A 92 12.00 -5.24 -44.64
C ARG A 92 12.70 -6.13 -43.62
N TYR A 93 13.99 -6.38 -43.81
CA TYR A 93 14.73 -7.19 -42.83
C TYR A 93 14.86 -6.45 -41.50
N ARG A 94 15.21 -5.17 -41.53
CA ARG A 94 15.29 -4.38 -40.31
C ARG A 94 13.91 -4.24 -39.66
N PHE A 95 12.87 -4.11 -40.49
CA PHE A 95 11.51 -4.06 -39.95
C PHE A 95 11.14 -5.36 -39.25
N VAL A 96 11.53 -6.49 -39.83
CA VAL A 96 11.32 -7.77 -39.17
C VAL A 96 12.08 -7.81 -37.85
N ARG A 97 13.30 -7.27 -37.84
CA ARG A 97 14.09 -7.21 -36.61
C ARG A 97 13.51 -6.25 -35.58
N SER A 98 12.53 -5.42 -35.94
CA SER A 98 11.95 -4.48 -35.00
C SER A 98 11.11 -5.20 -33.96
N VAL A 99 10.88 -4.51 -32.85
CA VAL A 99 10.16 -5.12 -31.72
C VAL A 99 8.70 -5.37 -32.08
N MET A 100 8.09 -4.47 -32.85
CA MET A 100 6.68 -4.63 -33.22
C MET A 100 6.48 -5.88 -34.08
N SER A 101 7.38 -6.13 -35.03
CA SER A 101 7.29 -7.33 -35.83
C SER A 101 7.48 -8.59 -34.98
N ILE A 102 8.39 -8.52 -34.01
CA ILE A 102 8.58 -9.65 -33.11
C ILE A 102 7.31 -9.93 -32.32
N ILE A 103 6.65 -8.86 -31.85
CA ILE A 103 5.39 -9.03 -31.13
C ILE A 103 4.33 -9.65 -32.04
N ASP A 104 4.28 -9.20 -33.30
CA ASP A 104 3.30 -9.74 -34.24
C ASP A 104 3.53 -11.23 -34.49
N VAL A 105 4.79 -11.63 -34.70
CA VAL A 105 5.07 -13.05 -34.92
C VAL A 105 4.78 -13.85 -33.66
N VAL A 106 5.08 -13.31 -32.48
CA VAL A 106 4.77 -14.01 -31.24
C VAL A 106 3.27 -14.18 -31.08
N ALA A 107 2.49 -13.20 -31.54
CA ALA A 107 1.03 -13.32 -31.44
C ALA A 107 0.48 -14.34 -32.43
N ILE A 108 1.04 -14.40 -33.65
CA ILE A 108 0.44 -15.25 -34.68
C ILE A 108 0.99 -16.67 -34.69
N LEU A 109 2.17 -16.93 -34.13
CA LEU A 109 2.74 -18.27 -34.17
C LEU A 109 1.93 -19.33 -33.43
N PRO A 110 1.41 -19.09 -32.19
CA PRO A 110 0.71 -20.15 -31.46
C PRO A 110 -0.31 -20.95 -32.26
N TYR A 111 -1.10 -20.29 -33.10
CA TYR A 111 -2.13 -20.99 -33.86
C TYR A 111 -1.52 -22.01 -34.82
N TYR A 112 -0.51 -21.58 -35.59
CA TYR A 112 0.12 -22.49 -36.54
C TYR A 112 0.90 -23.58 -35.83
N ILE A 113 1.54 -23.25 -34.71
CA ILE A 113 2.26 -24.26 -33.93
C ILE A 113 1.28 -25.31 -33.42
N GLY A 114 0.12 -24.89 -32.92
CA GLY A 114 -0.87 -25.83 -32.47
C GLY A 114 -1.42 -26.68 -33.60
N LEU A 115 -1.62 -26.07 -34.78
CA LEU A 115 -2.05 -26.85 -35.94
C LEU A 115 -1.04 -27.93 -36.30
N VAL A 116 0.25 -27.57 -36.31
CA VAL A 116 1.29 -28.56 -36.60
C VAL A 116 1.30 -29.66 -35.54
N MET A 117 1.17 -29.28 -34.27
CA MET A 117 1.19 -30.25 -33.19
C MET A 117 0.01 -31.22 -33.28
N THR A 118 -1.18 -30.70 -33.59
CA THR A 118 -2.36 -31.55 -33.67
C THR A 118 -2.46 -32.31 -34.98
N ASP A 119 -1.67 -31.94 -35.99
CA ASP A 119 -1.66 -32.71 -37.23
C ASP A 119 -1.16 -34.13 -36.99
N ASN A 120 -0.11 -34.27 -36.18
CA ASN A 120 0.45 -35.57 -35.83
C ASN A 120 0.44 -35.71 -34.31
N GLU A 121 -0.37 -36.65 -33.82
CA GLU A 121 -0.52 -36.91 -32.39
C GLU A 121 -1.06 -35.69 -31.65
N ASP A 122 -1.15 -35.79 -30.32
CA ASP A 122 -1.64 -34.68 -29.50
C ASP A 122 -1.20 -34.89 -28.07
N VAL A 123 -0.68 -33.84 -27.45
CA VAL A 123 -0.24 -33.87 -26.06
C VAL A 123 -0.79 -32.65 -25.34
N SER A 124 -0.94 -32.78 -24.03
CA SER A 124 -1.44 -31.70 -23.19
C SER A 124 -0.35 -30.84 -22.58
N GLY A 125 0.92 -31.20 -22.82
CA GLY A 125 2.01 -30.41 -22.25
C GLY A 125 2.10 -29.01 -22.86
N ALA A 126 1.97 -28.91 -24.17
CA ALA A 126 2.03 -27.63 -24.86
C ALA A 126 0.67 -26.99 -25.06
N PHE A 127 -0.41 -27.67 -24.64
CA PHE A 127 -1.75 -27.11 -24.81
C PHE A 127 -1.92 -25.85 -23.97
N VAL A 128 -1.70 -25.96 -22.66
CA VAL A 128 -1.83 -24.80 -21.78
C VAL A 128 -0.76 -23.76 -22.10
N THR A 129 0.44 -24.19 -22.50
CA THR A 129 1.48 -23.22 -22.85
C THR A 129 1.09 -22.40 -24.07
N LEU A 130 0.54 -23.05 -25.11
CA LEU A 130 0.10 -22.32 -26.28
C LEU A 130 -1.09 -21.43 -25.97
N ARG A 131 -2.01 -21.91 -25.12
CA ARG A 131 -3.14 -21.08 -24.74
C ARG A 131 -2.68 -19.85 -23.96
N VAL A 132 -1.65 -19.99 -23.12
CA VAL A 132 -1.08 -18.84 -22.42
C VAL A 132 -0.43 -17.89 -23.42
N PHE A 133 0.34 -18.43 -24.36
CA PHE A 133 0.99 -17.59 -25.35
C PHE A 133 -0.01 -16.87 -26.25
N ARG A 134 -1.22 -17.41 -26.40
CA ARG A 134 -2.22 -16.81 -27.28
C ARG A 134 -2.67 -15.44 -26.83
N VAL A 135 -2.57 -15.12 -25.53
CA VAL A 135 -3.05 -13.83 -25.05
C VAL A 135 -2.08 -12.70 -25.35
N PHE A 136 -0.87 -13.03 -25.83
CA PHE A 136 0.12 -12.02 -26.13
C PHE A 136 -0.23 -11.16 -27.33
N ARG A 137 -1.39 -11.34 -27.94
CA ARG A 137 -1.91 -10.39 -28.91
C ARG A 137 -2.48 -9.14 -28.23
N ILE A 138 -2.55 -9.15 -26.90
CA ILE A 138 -2.85 -7.93 -26.16
C ILE A 138 -1.80 -6.86 -26.44
N PHE A 139 -0.53 -7.27 -26.52
CA PHE A 139 0.56 -6.33 -26.77
C PHE A 139 0.52 -5.73 -28.17
N LYS A 140 -0.31 -6.27 -29.07
CA LYS A 140 -0.47 -5.67 -30.39
C LYS A 140 -1.17 -4.32 -30.33
N PHE A 141 -1.74 -3.95 -29.18
CA PHE A 141 -2.32 -2.63 -28.99
C PHE A 141 -1.28 -1.53 -28.85
N SER A 142 0.01 -1.88 -28.88
CA SER A 142 1.05 -0.86 -28.77
C SER A 142 1.01 0.11 -29.94
N ARG A 143 0.70 -0.38 -31.14
CA ARG A 143 0.54 0.50 -32.29
C ARG A 143 -0.62 1.46 -32.08
N HIS A 144 -1.73 0.96 -31.51
CA HIS A 144 -2.93 1.79 -31.37
C HIS A 144 -2.78 2.82 -30.26
N SER A 145 -2.19 2.44 -29.14
CA SER A 145 -2.10 3.30 -27.96
C SER A 145 -0.68 3.83 -27.81
N GLN A 146 -0.57 5.16 -27.70
CA GLN A 146 0.74 5.77 -27.49
C GLN A 146 1.24 5.51 -26.07
N GLY A 147 0.34 5.30 -25.12
CA GLY A 147 0.75 5.12 -23.74
C GLY A 147 1.61 3.88 -23.54
N LEU A 148 1.27 2.79 -24.22
CA LEU A 148 2.09 1.58 -24.12
C LEU A 148 3.47 1.80 -24.72
N ARG A 149 3.54 2.54 -25.83
CA ARG A 149 4.85 2.86 -26.40
C ARG A 149 5.69 3.70 -25.45
N ILE A 150 5.07 4.68 -24.79
CA ILE A 150 5.80 5.50 -23.82
C ILE A 150 6.26 4.64 -22.65
N LEU A 151 5.40 3.74 -22.18
CA LEU A 151 5.79 2.86 -21.07
C LEU A 151 6.96 1.97 -21.45
N GLY A 152 6.93 1.41 -22.67
CA GLY A 152 8.05 0.61 -23.13
C GLY A 152 9.33 1.41 -23.25
N TYR A 153 9.23 2.64 -23.76
CA TYR A 153 10.40 3.51 -23.84
C TYR A 153 10.98 3.80 -22.47
N THR A 154 10.12 4.08 -21.48
CA THR A 154 10.60 4.33 -20.13
C THR A 154 11.24 3.09 -19.52
N LEU A 155 10.62 1.92 -19.71
CA LEU A 155 11.20 0.70 -19.17
C LEU A 155 12.55 0.38 -19.81
N LYS A 156 12.70 0.68 -21.10
CA LYS A 156 13.99 0.49 -21.75
C LYS A 156 15.02 1.50 -21.25
N SER A 157 14.58 2.73 -21.00
CA SER A 157 15.51 3.79 -20.59
C SER A 157 16.10 3.50 -19.22
N CYS A 158 15.26 3.20 -18.24
CA CYS A 158 15.72 2.95 -16.87
C CYS A 158 15.93 1.44 -16.65
N ALA A 159 16.78 0.86 -17.50
CA ALA A 159 17.07 -0.56 -17.38
C ALA A 159 17.94 -0.86 -16.16
N SER A 160 18.88 0.04 -15.83
CA SER A 160 19.74 -0.19 -14.68
C SER A 160 18.97 -0.14 -13.37
N GLU A 161 18.01 0.78 -13.26
CA GLU A 161 17.21 0.88 -12.04
C GLU A 161 16.33 -0.35 -11.85
N LEU A 162 15.78 -0.90 -12.93
CA LEU A 162 15.04 -2.16 -12.81
C LEU A 162 15.97 -3.31 -12.42
N GLY A 163 17.21 -3.31 -12.95
CA GLY A 163 18.16 -4.33 -12.56
C GLY A 163 18.51 -4.26 -11.09
N PHE A 164 18.75 -3.05 -10.58
CA PHE A 164 19.02 -2.90 -9.15
C PHE A 164 17.79 -3.24 -8.32
N LEU A 165 16.59 -2.90 -8.81
CA LEU A 165 15.37 -3.31 -8.13
C LEU A 165 15.32 -4.82 -7.98
N LEU A 166 15.55 -5.55 -9.07
CA LEU A 166 15.52 -7.00 -9.03
C LEU A 166 16.58 -7.55 -8.09
N PHE A 167 17.80 -7.01 -8.16
CA PHE A 167 18.89 -7.53 -7.34
C PHE A 167 18.61 -7.30 -5.85
N SER A 168 18.23 -6.08 -5.48
CA SER A 168 17.96 -5.77 -4.07
C SER A 168 16.74 -6.53 -3.58
N LEU A 169 15.72 -6.68 -4.42
CA LEU A 169 14.54 -7.44 -4.03
C LEU A 169 14.90 -8.90 -3.76
N THR A 170 15.71 -9.50 -4.64
CA THR A 170 16.13 -10.88 -4.42
C THR A 170 16.97 -11.00 -3.16
N MET A 171 17.87 -10.05 -2.93
CA MET A 171 18.72 -10.07 -1.74
C MET A 171 17.89 -10.01 -0.47
N ALA A 172 16.97 -9.04 -0.39
CA ALA A 172 16.13 -8.90 0.78
C ALA A 172 15.21 -10.10 0.96
N ILE A 173 14.68 -10.63 -0.15
CA ILE A 173 13.82 -11.81 -0.07
C ILE A 173 14.58 -12.98 0.52
N ILE A 174 15.80 -13.20 0.04
CA ILE A 174 16.60 -14.32 0.55
C ILE A 174 16.88 -14.13 2.04
N ILE A 175 17.31 -12.93 2.43
CA ILE A 175 17.67 -12.68 3.83
C ILE A 175 16.47 -12.88 4.74
N PHE A 176 15.34 -12.24 4.41
CA PHE A 176 14.17 -12.31 5.28
C PHE A 176 13.54 -13.70 5.27
N ALA A 177 13.57 -14.41 4.12
CA ALA A 177 13.07 -15.77 4.08
C ALA A 177 13.91 -16.69 4.96
N THR A 178 15.24 -16.53 4.92
CA THR A 178 16.09 -17.34 5.79
C THR A 178 15.78 -17.05 7.26
N VAL A 179 15.66 -15.77 7.61
CA VAL A 179 15.40 -15.41 9.00
C VAL A 179 14.06 -15.96 9.46
N MET A 180 13.02 -15.82 8.64
CA MET A 180 11.70 -16.29 9.03
C MET A 180 11.64 -17.81 9.10
N PHE A 181 12.29 -18.50 8.17
CA PHE A 181 12.30 -19.96 8.19
C PHE A 181 13.00 -20.47 9.44
N TYR A 182 14.14 -19.88 9.78
CA TYR A 182 14.85 -20.35 10.97
C TYR A 182 14.24 -19.84 12.27
N ALA A 183 13.35 -18.84 12.20
CA ALA A 183 12.65 -18.37 13.38
C ALA A 183 11.26 -18.98 13.54
N GLU A 184 10.69 -19.53 12.47
CA GLU A 184 9.34 -20.08 12.47
C GLU A 184 9.36 -21.51 11.93
N LYS A 185 10.28 -22.32 12.45
CA LYS A 185 10.42 -23.72 12.03
C LYS A 185 9.84 -24.70 13.03
N GLY A 186 9.88 -24.38 14.32
CA GLY A 186 9.46 -25.31 15.35
C GLY A 186 8.02 -25.13 15.82
N SER A 187 7.21 -24.44 15.02
CA SER A 187 5.82 -24.23 15.38
C SER A 187 5.04 -25.55 15.26
N SER A 188 3.85 -25.57 15.86
CA SER A 188 3.02 -26.77 15.84
C SER A 188 2.63 -27.14 14.42
N ALA A 189 1.90 -26.25 13.75
CA ALA A 189 1.49 -26.44 12.36
C ALA A 189 2.01 -25.24 11.58
N SER A 190 3.26 -25.33 11.13
CA SER A 190 3.93 -24.24 10.44
C SER A 190 4.01 -24.53 8.95
N LYS A 191 3.72 -23.50 8.15
CA LYS A 191 3.86 -23.60 6.70
C LYS A 191 5.22 -23.14 6.22
N PHE A 192 6.12 -22.77 7.13
CA PHE A 192 7.49 -22.39 6.79
C PHE A 192 8.39 -23.62 6.78
N THR A 193 8.09 -24.53 5.84
CA THR A 193 8.84 -25.78 5.76
C THR A 193 10.25 -25.58 5.23
N SER A 194 10.48 -24.53 4.45
CA SER A 194 11.80 -24.29 3.86
C SER A 194 11.88 -22.84 3.44
N ILE A 195 13.11 -22.40 3.14
CA ILE A 195 13.31 -21.04 2.63
C ILE A 195 12.57 -20.81 1.32
N PRO A 196 12.61 -21.71 0.33
CA PRO A 196 11.75 -21.51 -0.85
C PRO A 196 10.28 -21.43 -0.51
N ALA A 197 9.83 -22.13 0.54
CA ALA A 197 8.45 -21.99 0.99
C ALA A 197 8.22 -20.68 1.72
N ALA A 198 9.29 -20.04 2.21
CA ALA A 198 9.18 -18.72 2.82
C ALA A 198 9.34 -17.58 1.83
N PHE A 199 9.73 -17.88 0.58
CA PHE A 199 9.79 -16.85 -0.44
C PHE A 199 8.41 -16.25 -0.69
N TRP A 200 7.38 -17.09 -0.71
CA TRP A 200 6.02 -16.60 -0.91
C TRP A 200 5.61 -15.63 0.19
N TYR A 201 5.85 -16.01 1.44
CA TYR A 201 5.51 -15.12 2.56
C TYR A 201 6.31 -13.83 2.50
N THR A 202 7.61 -13.94 2.17
CA THR A 202 8.44 -12.74 2.13
C THR A 202 7.99 -11.78 1.03
N ILE A 203 7.63 -12.29 -0.14
CA ILE A 203 7.22 -11.41 -1.22
C ILE A 203 5.82 -10.86 -0.98
N VAL A 204 4.97 -11.61 -0.26
CA VAL A 204 3.66 -11.08 0.10
C VAL A 204 3.80 -9.96 1.13
N THR A 205 4.69 -10.15 2.11
CA THR A 205 4.83 -9.15 3.17
C THR A 205 5.56 -7.90 2.68
N MET A 206 6.60 -8.07 1.86
CA MET A 206 7.39 -6.92 1.42
C MET A 206 6.55 -5.95 0.59
N THR A 207 5.71 -6.48 -0.29
CA THR A 207 4.87 -5.65 -1.14
C THR A 207 3.67 -5.07 -0.42
N THR A 208 3.62 -5.21 0.91
CA THR A 208 2.49 -4.73 1.73
C THR A 208 1.16 -5.26 1.17
N LEU A 209 1.15 -6.54 0.79
CA LEU A 209 -0.04 -7.16 0.24
C LEU A 209 -0.86 -7.85 1.31
N GLY A 210 -0.30 -8.88 1.94
CA GLY A 210 -0.98 -9.55 3.03
C GLY A 210 -1.98 -10.57 2.54
N TYR A 211 -1.87 -11.81 3.01
CA TYR A 211 -2.83 -12.84 2.62
C TYR A 211 -3.38 -13.56 3.83
N GLY A 212 -2.55 -13.74 4.87
CA GLY A 212 -2.95 -14.41 6.07
C GLY A 212 -2.83 -15.91 6.04
N ASP A 213 -2.59 -16.51 4.86
CA ASP A 213 -2.40 -17.95 4.80
C ASP A 213 -1.11 -18.36 5.52
N MET A 214 -0.04 -17.59 5.34
CA MET A 214 1.24 -17.82 5.98
C MET A 214 1.55 -16.62 6.86
N VAL A 215 1.44 -16.79 8.18
CA VAL A 215 1.72 -15.72 9.12
C VAL A 215 2.64 -16.26 10.21
N PRO A 216 3.51 -15.43 10.79
CA PRO A 216 4.35 -15.90 11.90
C PRO A 216 3.54 -16.09 13.16
N LYS A 217 3.86 -17.16 13.89
CA LYS A 217 3.19 -17.48 15.15
C LYS A 217 4.16 -17.49 16.33
N THR A 218 5.34 -16.90 16.16
CA THR A 218 6.34 -16.85 17.22
C THR A 218 6.78 -15.41 17.42
N ILE A 219 7.21 -15.11 18.65
CA ILE A 219 7.67 -13.76 18.97
C ILE A 219 8.88 -13.39 18.12
N ALA A 220 9.81 -14.31 17.95
CA ALA A 220 10.97 -14.05 17.11
C ALA A 220 10.57 -13.83 15.66
N GLY A 221 9.62 -14.63 15.16
CA GLY A 221 9.17 -14.47 13.78
C GLY A 221 8.30 -13.26 13.54
N LYS A 222 7.63 -12.76 14.58
CA LYS A 222 6.81 -11.57 14.41
C LYS A 222 7.65 -10.30 14.35
N ILE A 223 8.76 -10.26 15.09
CA ILE A 223 9.63 -9.09 15.05
C ILE A 223 10.26 -8.93 13.67
N PHE A 224 10.74 -10.04 13.10
CA PHE A 224 11.31 -10.00 11.76
C PHE A 224 10.25 -10.07 10.67
N GLY A 225 9.01 -10.44 11.01
CA GLY A 225 7.92 -10.36 10.06
C GLY A 225 7.34 -8.98 9.88
N SER A 226 7.66 -8.06 10.78
CA SER A 226 7.25 -6.67 10.64
C SER A 226 8.35 -5.78 10.07
N ILE A 227 9.62 -6.08 10.38
CA ILE A 227 10.73 -5.38 9.73
C ILE A 227 10.73 -5.69 8.23
N CYS A 228 10.33 -6.90 7.86
CA CYS A 228 10.24 -7.26 6.44
C CYS A 228 9.26 -6.36 5.71
N SER A 229 8.12 -6.05 6.34
CA SER A 229 7.13 -5.17 5.72
C SER A 229 7.70 -3.77 5.52
N LEU A 230 8.38 -3.24 6.55
CA LEU A 230 9.00 -1.93 6.42
C LEU A 230 10.12 -1.93 5.39
N SER A 231 10.94 -2.99 5.39
CA SER A 231 12.02 -3.08 4.41
C SER A 231 11.48 -3.24 2.99
N GLY A 232 10.28 -3.81 2.85
CA GLY A 232 9.68 -3.90 1.53
C GLY A 232 9.34 -2.55 0.96
N VAL A 233 8.80 -1.65 1.80
CA VAL A 233 8.51 -0.29 1.34
C VAL A 233 9.79 0.42 0.93
N LEU A 234 10.85 0.29 1.73
CA LEU A 234 12.10 0.96 1.43
C LEU A 234 12.70 0.47 0.12
N VAL A 235 12.73 -0.85 -0.08
CA VAL A 235 13.37 -1.39 -1.26
C VAL A 235 12.56 -1.08 -2.52
N ILE A 236 11.24 -1.29 -2.45
CA ILE A 236 10.41 -1.12 -3.64
C ILE A 236 10.30 0.34 -4.06
N ALA A 237 10.20 1.25 -3.09
CA ALA A 237 9.93 2.66 -3.40
C ALA A 237 11.15 3.43 -3.88
N LEU A 238 12.31 2.79 -4.04
CA LEU A 238 13.46 3.50 -4.58
C LEU A 238 13.37 3.67 -6.09
N PRO A 239 13.09 2.61 -6.87
CA PRO A 239 12.97 2.79 -8.32
C PRO A 239 11.59 3.20 -8.82
N VAL A 240 10.59 3.30 -7.93
CA VAL A 240 9.28 3.78 -8.36
C VAL A 240 9.32 5.22 -8.89
N PRO A 241 9.92 6.18 -8.18
CA PRO A 241 9.94 7.55 -8.72
C PRO A 241 10.67 7.67 -10.06
N VAL A 242 11.78 6.95 -10.25
CA VAL A 242 12.53 7.10 -11.49
C VAL A 242 11.73 6.54 -12.67
N ILE A 243 10.96 5.48 -12.45
CA ILE A 243 10.08 4.98 -13.50
C ILE A 243 8.99 6.00 -13.81
N VAL A 244 8.38 6.58 -12.76
CA VAL A 244 7.32 7.56 -12.97
C VAL A 244 7.87 8.86 -13.54
N SER A 245 9.02 9.31 -13.02
CA SER A 245 9.62 10.55 -13.52
C SER A 245 9.99 10.43 -14.99
N ASN A 246 10.54 9.28 -15.40
CA ASN A 246 10.83 9.07 -16.81
C ASN A 246 9.55 9.08 -17.64
N PHE A 247 8.47 8.49 -17.11
CA PHE A 247 7.20 8.50 -17.83
C PHE A 247 6.68 9.92 -18.00
N SER A 248 6.75 10.73 -16.94
CA SER A 248 6.31 12.12 -17.03
C SER A 248 7.20 12.91 -17.98
N ARG A 249 8.51 12.67 -17.94
CA ARG A 249 9.45 13.42 -18.78
C ARG A 249 9.28 13.03 -20.25
N ILE A 250 9.22 11.73 -20.54
CA ILE A 250 9.12 11.29 -21.93
C ILE A 250 7.78 11.69 -22.54
N TYR A 251 6.69 11.52 -21.79
CA TYR A 251 5.38 11.89 -22.31
C TYR A 251 5.28 13.39 -22.55
N HIS A 252 5.82 14.19 -21.63
CA HIS A 252 5.77 15.64 -21.80
C HIS A 252 6.64 16.10 -22.97
N GLN A 253 7.82 15.50 -23.13
CA GLN A 253 8.71 15.91 -24.21
C GLN A 253 8.17 15.55 -25.58
N ASN A 254 7.22 14.61 -25.65
CA ASN A 254 6.59 14.31 -26.93
C ASN A 254 5.60 15.39 -27.34
N GLN A 255 5.08 16.14 -26.37
CA GLN A 255 4.12 17.20 -26.66
C GLN A 255 4.83 18.48 -27.08
N PRO B 1 54.01 0.94 -11.01
CA PRO B 1 54.40 -0.12 -10.06
C PRO B 1 55.90 -0.15 -9.80
N THR B 2 56.44 0.96 -9.31
CA THR B 2 57.86 1.04 -9.00
C THR B 2 58.24 0.28 -7.73
N MET B 3 57.26 -0.20 -6.97
CA MET B 3 57.51 -0.92 -5.73
C MET B 3 56.87 -2.29 -5.75
N THR B 4 56.82 -2.96 -4.58
CA THR B 4 56.44 -4.37 -4.51
C THR B 4 55.01 -4.63 -4.97
N ALA B 5 54.63 -5.91 -4.98
CA ALA B 5 53.36 -6.34 -5.57
C ALA B 5 52.14 -5.83 -4.83
N ARG B 6 52.31 -5.29 -3.61
CA ARG B 6 51.17 -4.92 -2.80
C ARG B 6 50.27 -3.92 -3.51
N GLN B 7 50.83 -2.82 -4.00
CA GLN B 7 50.01 -1.78 -4.62
C GLN B 7 49.51 -2.21 -5.99
N ARG B 8 50.33 -2.95 -6.75
CA ARG B 8 49.90 -3.37 -8.07
C ARG B 8 48.87 -4.49 -8.03
N VAL B 9 48.65 -5.12 -6.87
CA VAL B 9 47.56 -6.08 -6.75
C VAL B 9 46.38 -5.41 -6.05
N TRP B 10 46.66 -4.38 -5.25
CA TRP B 10 45.58 -3.61 -4.64
C TRP B 10 44.82 -2.81 -5.67
N ARG B 11 45.52 -2.27 -6.68
CA ARG B 11 44.84 -1.56 -7.76
C ARG B 11 43.93 -2.50 -8.54
N ALA B 12 44.29 -3.79 -8.60
CA ALA B 12 43.38 -4.77 -9.20
C ALA B 12 42.21 -5.08 -8.28
N PHE B 13 42.47 -5.16 -6.97
CA PHE B 13 41.40 -5.41 -6.01
C PHE B 13 40.44 -4.23 -5.94
N GLU B 14 40.96 -3.02 -5.82
CA GLU B 14 40.11 -1.83 -5.72
C GLU B 14 39.35 -1.60 -7.02
N ASN B 15 40.01 -1.80 -8.17
CA ASN B 15 39.39 -1.61 -9.49
C ASN B 15 39.32 -2.96 -10.18
N PRO B 16 38.18 -3.64 -10.14
CA PRO B 16 38.08 -4.95 -10.79
C PRO B 16 37.81 -4.90 -12.29
N HIS B 17 37.48 -3.72 -12.83
CA HIS B 17 37.22 -3.58 -14.26
C HIS B 17 38.49 -3.32 -15.07
N THR B 18 39.63 -3.18 -14.42
CA THR B 18 40.90 -2.99 -15.11
C THR B 18 41.64 -4.32 -15.20
N SER B 19 42.62 -4.37 -16.11
CA SER B 19 43.43 -5.56 -16.35
C SER B 19 42.55 -6.75 -16.73
N THR B 20 43.05 -7.96 -16.52
CA THR B 20 42.28 -9.16 -16.82
C THR B 20 42.21 -10.08 -15.61
N MET B 21 43.24 -10.05 -14.76
CA MET B 21 43.23 -10.87 -13.55
C MET B 21 42.19 -10.35 -12.56
N ALA B 22 42.05 -9.02 -12.47
CA ALA B 22 41.07 -8.43 -11.56
C ALA B 22 39.65 -8.84 -11.94
N LEU B 23 39.34 -8.84 -13.24
CA LEU B 23 38.00 -9.24 -13.68
C LEU B 23 37.73 -10.70 -13.36
N VAL B 24 38.72 -11.57 -13.56
CA VAL B 24 38.56 -12.98 -13.25
C VAL B 24 38.34 -13.18 -11.75
N PHE B 25 39.10 -12.47 -10.93
CA PHE B 25 38.93 -12.57 -9.48
C PHE B 25 37.55 -12.08 -9.06
N TYR B 26 37.10 -10.96 -9.63
CA TYR B 26 35.77 -10.42 -9.32
C TYR B 26 34.68 -11.42 -9.69
N TYR B 27 34.75 -11.98 -10.90
CA TYR B 27 33.74 -12.94 -11.33
C TYR B 27 33.76 -14.20 -10.47
N VAL B 28 34.95 -14.70 -10.12
CA VAL B 28 35.01 -15.94 -9.35
C VAL B 28 34.49 -15.71 -7.93
N THR B 29 34.78 -14.54 -7.34
CA THR B 29 34.24 -14.25 -6.01
C THR B 29 32.72 -14.13 -6.05
N GLY B 30 32.19 -13.43 -7.06
CA GLY B 30 30.74 -13.33 -7.18
C GLY B 30 30.08 -14.68 -7.38
N PHE B 31 30.68 -15.52 -8.23
CA PHE B 31 30.13 -16.85 -8.48
C PHE B 31 30.16 -17.70 -7.22
N PHE B 32 31.25 -17.63 -6.45
CA PHE B 32 31.32 -18.42 -5.23
C PHE B 32 30.32 -17.95 -4.19
N ILE B 33 30.13 -16.62 -4.05
CA ILE B 33 29.12 -16.13 -3.11
C ILE B 33 27.73 -16.60 -3.54
N ALA B 34 27.43 -16.48 -4.84
CA ALA B 34 26.12 -16.90 -5.33
C ALA B 34 25.89 -18.39 -5.13
N VAL B 35 26.90 -19.21 -5.42
CA VAL B 35 26.73 -20.64 -5.27
C VAL B 35 26.61 -21.02 -3.80
N SER B 36 27.29 -20.30 -2.90
CA SER B 36 27.14 -20.57 -1.48
C SER B 36 25.73 -20.27 -1.00
N VAL B 37 25.19 -19.12 -1.38
CA VAL B 37 23.85 -18.77 -0.92
C VAL B 37 22.80 -19.69 -1.55
N ILE B 38 23.00 -20.07 -2.81
CA ILE B 38 22.08 -21.01 -3.46
C ILE B 38 22.15 -22.38 -2.79
N ALA B 39 23.36 -22.80 -2.40
CA ALA B 39 23.51 -24.07 -1.70
C ALA B 39 22.81 -24.05 -0.36
N ASN B 40 22.91 -22.93 0.37
CA ASN B 40 22.18 -22.81 1.63
C ASN B 40 20.68 -22.89 1.41
N VAL B 41 20.17 -22.17 0.41
CA VAL B 41 18.74 -22.19 0.11
C VAL B 41 18.29 -23.60 -0.25
N VAL B 42 19.10 -24.32 -1.04
CA VAL B 42 18.73 -25.66 -1.49
C VAL B 42 18.76 -26.65 -0.32
N GLU B 43 19.79 -26.57 0.53
CA GLU B 43 19.87 -27.50 1.64
C GLU B 43 18.79 -27.23 2.68
N THR B 44 18.28 -25.99 2.77
CA THR B 44 17.13 -25.75 3.63
C THR B 44 15.87 -26.43 3.09
N VAL B 45 15.79 -26.59 1.77
CA VAL B 45 14.65 -27.29 1.16
C VAL B 45 15.08 -28.68 0.72
N HIS B 53 9.01 -44.02 2.28
CA HIS B 53 10.11 -43.46 3.05
C HIS B 53 9.69 -43.22 4.50
N ILE B 54 10.69 -43.11 5.39
CA ILE B 54 10.39 -42.89 6.80
C ILE B 54 9.77 -41.51 7.01
N LYS B 55 10.26 -40.50 6.29
CA LYS B 55 9.75 -39.14 6.42
C LYS B 55 10.24 -38.33 5.23
N GLU B 56 9.64 -37.14 5.06
CA GLU B 56 10.08 -36.20 4.02
C GLU B 56 11.37 -35.54 4.51
N LEU B 57 12.47 -36.27 4.33
CA LEU B 57 13.75 -35.80 4.84
C LEU B 57 14.27 -34.67 3.95
N PRO B 58 14.64 -33.52 4.51
CA PRO B 58 15.21 -32.44 3.69
C PRO B 58 16.54 -32.80 3.08
N CYS B 59 17.11 -31.89 2.29
CA CYS B 59 18.35 -32.13 1.56
C CYS B 59 19.59 -31.90 2.44
N GLY B 60 19.45 -31.94 3.76
CA GLY B 60 20.57 -31.70 4.63
C GLY B 60 20.84 -32.79 5.66
N GLU B 61 20.19 -33.94 5.51
CA GLU B 61 20.43 -35.08 6.40
C GLU B 61 21.00 -36.28 5.65
N ARG B 62 20.33 -36.76 4.60
CA ARG B 62 20.96 -37.74 3.72
C ARG B 62 22.16 -37.13 3.00
N TYR B 63 22.02 -35.89 2.57
CA TYR B 63 23.12 -35.06 2.08
C TYR B 63 23.74 -34.32 3.25
N ALA B 64 24.48 -33.24 2.94
CA ALA B 64 25.22 -32.41 3.89
C ALA B 64 26.56 -33.02 4.28
N VAL B 65 27.10 -33.91 3.45
CA VAL B 65 28.53 -34.15 3.39
C VAL B 65 29.20 -33.36 2.29
N ALA B 66 28.78 -33.54 1.04
CA ALA B 66 29.22 -32.65 -0.04
C ALA B 66 28.77 -31.22 0.23
N PHE B 67 27.51 -31.05 0.66
CA PHE B 67 27.02 -29.74 1.07
C PHE B 67 27.87 -29.16 2.18
N PHE B 68 28.55 -30.01 2.97
CA PHE B 68 29.56 -29.51 3.88
C PHE B 68 30.80 -29.06 3.12
N CYS B 69 31.40 -29.98 2.37
CA CYS B 69 32.67 -29.68 1.69
C CYS B 69 32.53 -28.48 0.77
N LEU B 70 31.55 -28.52 -0.13
CA LEU B 70 31.23 -27.38 -0.97
C LEU B 70 31.22 -26.09 -0.15
N ASP B 71 30.44 -26.09 0.93
CA ASP B 71 30.35 -24.91 1.77
C ASP B 71 31.73 -24.46 2.24
N THR B 72 32.50 -25.37 2.84
CA THR B 72 33.79 -24.96 3.36
C THR B 72 34.69 -24.48 2.24
N ALA B 73 34.56 -25.09 1.05
CA ALA B 73 35.32 -24.62 -0.10
C ALA B 73 35.08 -23.13 -0.31
N CYS B 74 33.80 -22.75 -0.40
CA CYS B 74 33.48 -21.33 -0.51
C CYS B 74 34.12 -20.55 0.62
N VAL B 75 33.92 -21.02 1.85
CA VAL B 75 34.50 -20.33 3.00
C VAL B 75 36.01 -20.21 2.83
N MET B 76 36.64 -21.31 2.42
CA MET B 76 38.09 -21.29 2.23
C MET B 76 38.47 -20.15 1.28
N ILE B 77 37.78 -20.06 0.14
CA ILE B 77 38.08 -19.01 -0.82
C ILE B 77 37.98 -17.65 -0.13
N PHE B 78 36.87 -17.42 0.57
CA PHE B 78 36.70 -16.15 1.26
C PHE B 78 37.90 -15.87 2.13
N THR B 79 38.27 -16.85 2.97
CA THR B 79 39.40 -16.65 3.87
C THR B 79 40.63 -16.22 3.08
N VAL B 80 40.98 -16.97 2.04
CA VAL B 80 42.23 -16.67 1.36
C VAL B 80 42.15 -15.31 0.69
N GLU B 81 40.98 -14.97 0.12
CA GLU B 81 40.90 -13.66 -0.53
C GLU B 81 40.97 -12.57 0.52
N TYR B 82 40.39 -12.79 1.69
CA TYR B 82 40.56 -11.84 2.78
C TYR B 82 42.03 -11.70 3.13
N LEU B 83 42.76 -12.82 3.17
CA LEU B 83 44.20 -12.75 3.40
C LEU B 83 44.88 -11.96 2.31
N LEU B 84 44.42 -12.11 1.06
CA LEU B 84 44.96 -11.30 -0.03
C LEU B 84 44.69 -9.83 0.22
N ARG B 85 43.49 -9.50 0.72
CA ARG B 85 43.19 -8.12 1.06
C ARG B 85 43.98 -7.63 2.27
N LEU B 86 44.57 -8.55 3.04
CA LEU B 86 45.50 -8.18 4.09
C LEU B 86 46.93 -8.09 3.60
N ALA B 87 47.21 -8.51 2.36
CA ALA B 87 48.54 -8.44 1.80
C ALA B 87 48.71 -7.27 0.83
N ALA B 88 47.72 -6.40 0.71
CA ALA B 88 47.80 -5.28 -0.23
C ALA B 88 47.25 -3.99 0.34
N ALA B 89 47.05 -3.90 1.65
CA ALA B 89 46.44 -2.72 2.24
C ALA B 89 47.49 -1.85 2.90
N PRO B 90 47.79 -0.66 2.36
CA PRO B 90 48.67 0.26 3.09
C PRO B 90 48.10 0.67 4.45
N SER B 91 46.78 0.70 4.56
CA SER B 91 46.08 1.02 5.80
C SER B 91 45.54 -0.23 6.48
N ARG B 92 46.33 -1.30 6.48
CA ARG B 92 45.92 -2.62 6.95
C ARG B 92 45.02 -2.56 8.19
N TYR B 93 45.45 -1.86 9.23
CA TYR B 93 44.63 -1.74 10.42
C TYR B 93 43.37 -0.93 10.13
N ARG B 94 43.52 0.20 9.44
CA ARG B 94 42.36 1.00 9.06
C ARG B 94 41.46 0.25 8.09
N PHE B 95 42.06 -0.54 7.18
CA PHE B 95 41.27 -1.37 6.28
C PHE B 95 40.46 -2.40 7.05
N VAL B 96 41.07 -3.01 8.08
CA VAL B 96 40.33 -3.93 8.93
C VAL B 96 39.19 -3.20 9.63
N ARG B 97 39.44 -1.97 10.07
CA ARG B 97 38.39 -1.16 10.69
C ARG B 97 37.30 -0.74 9.72
N SER B 98 37.50 -0.92 8.41
CA SER B 98 36.49 -0.52 7.44
C SER B 98 35.29 -1.45 7.51
N VAL B 99 34.16 -0.94 6.97
CA VAL B 99 32.91 -1.68 7.05
C VAL B 99 32.96 -2.94 6.20
N MET B 100 33.62 -2.87 5.04
CA MET B 100 33.70 -4.04 4.16
C MET B 100 34.45 -5.19 4.82
N SER B 101 35.55 -4.89 5.51
CA SER B 101 36.29 -5.92 6.23
C SER B 101 35.45 -6.51 7.36
N ILE B 102 34.67 -5.65 8.05
CA ILE B 102 33.78 -6.15 9.10
C ILE B 102 32.76 -7.10 8.52
N ILE B 103 32.20 -6.75 7.36
CA ILE B 103 31.24 -7.63 6.70
C ILE B 103 31.90 -8.96 6.32
N ASP B 104 33.13 -8.90 5.83
CA ASP B 104 33.83 -10.13 5.46
C ASP B 104 34.08 -11.03 6.66
N VAL B 105 34.51 -10.44 7.79
CA VAL B 105 34.74 -11.25 8.99
C VAL B 105 33.42 -11.82 9.51
N VAL B 106 32.36 -11.02 9.46
CA VAL B 106 31.05 -11.51 9.91
C VAL B 106 30.59 -12.67 9.02
N ALA B 107 30.90 -12.61 7.73
CA ALA B 107 30.51 -13.70 6.83
C ALA B 107 31.34 -14.96 7.09
N ILE B 108 32.63 -14.80 7.39
CA ILE B 108 33.50 -15.98 7.48
C ILE B 108 33.56 -16.61 8.86
N LEU B 109 33.27 -15.86 9.93
CA LEU B 109 33.40 -16.41 11.28
C LEU B 109 32.45 -17.57 11.56
N PRO B 110 31.16 -17.53 11.18
CA PRO B 110 30.25 -18.64 11.51
C PRO B 110 30.83 -20.03 11.31
N TYR B 111 31.53 -20.29 10.20
CA TYR B 111 32.02 -21.63 9.94
C TYR B 111 33.05 -22.06 10.98
N TYR B 112 34.03 -21.20 11.27
CA TYR B 112 35.05 -21.54 12.25
C TYR B 112 34.46 -21.62 13.66
N ILE B 113 33.50 -20.75 13.98
CA ILE B 113 32.85 -20.81 15.28
C ILE B 113 32.11 -22.14 15.43
N GLY B 114 31.41 -22.57 14.38
CA GLY B 114 30.74 -23.86 14.42
C GLY B 114 31.71 -25.02 14.54
N LEU B 115 32.84 -24.94 13.85
CA LEU B 115 33.86 -25.98 13.98
C LEU B 115 34.37 -26.07 15.42
N VAL B 116 34.66 -24.92 16.04
CA VAL B 116 35.11 -24.92 17.43
C VAL B 116 34.03 -25.49 18.34
N MET B 117 32.78 -25.10 18.12
CA MET B 117 31.69 -25.58 18.98
C MET B 117 31.50 -27.08 18.85
N THR B 118 31.58 -27.62 17.63
CA THR B 118 31.39 -29.04 17.42
C THR B 118 32.64 -29.86 17.76
N ASP B 119 33.80 -29.22 17.91
CA ASP B 119 34.99 -29.95 18.34
C ASP B 119 34.79 -30.54 19.74
N ASN B 120 34.21 -29.76 20.65
CA ASN B 120 33.95 -30.20 22.02
C ASN B 120 32.45 -30.06 22.28
N GLU B 121 31.77 -31.20 22.47
CA GLU B 121 30.33 -31.24 22.71
C GLU B 121 29.54 -30.65 21.56
N ASP B 122 28.23 -30.56 21.71
CA ASP B 122 27.37 -30.01 20.66
C ASP B 122 26.04 -29.60 21.29
N VAL B 123 25.57 -28.39 20.94
CA VAL B 123 24.30 -27.88 21.41
C VAL B 123 23.53 -27.32 20.23
N SER B 124 22.20 -27.30 20.37
CA SER B 124 21.32 -26.79 19.33
C SER B 124 20.96 -25.32 19.53
N GLY B 125 21.41 -24.70 20.62
CA GLY B 125 21.10 -23.30 20.85
C GLY B 125 21.74 -22.38 19.83
N ALA B 126 23.02 -22.61 19.53
CA ALA B 126 23.76 -21.79 18.57
C ALA B 126 23.72 -22.35 17.16
N PHE B 127 23.08 -23.50 16.95
CA PHE B 127 23.01 -24.08 15.62
C PHE B 127 22.20 -23.20 14.68
N VAL B 128 20.95 -22.91 15.05
CA VAL B 128 20.11 -22.06 14.22
C VAL B 128 20.66 -20.64 14.16
N THR B 129 21.27 -20.16 15.24
CA THR B 129 21.85 -18.81 15.23
C THR B 129 23.00 -18.72 14.23
N LEU B 130 23.88 -19.72 14.21
CA LEU B 130 24.98 -19.74 13.25
C LEU B 130 24.45 -19.89 11.83
N ARG B 131 23.42 -20.72 11.63
CA ARG B 131 22.85 -20.86 10.31
C ARG B 131 22.19 -19.56 9.83
N VAL B 132 21.63 -18.79 10.76
CA VAL B 132 21.08 -17.48 10.42
C VAL B 132 22.20 -16.52 10.03
N PHE B 133 23.28 -16.48 10.82
CA PHE B 133 24.40 -15.62 10.48
C PHE B 133 25.09 -16.04 9.19
N ARG B 134 24.93 -17.29 8.77
CA ARG B 134 25.59 -17.77 7.55
C ARG B 134 25.10 -17.08 6.30
N VAL B 135 23.89 -16.51 6.31
CA VAL B 135 23.38 -15.85 5.11
C VAL B 135 23.95 -14.44 4.94
N PHE B 136 24.67 -13.94 5.95
CA PHE B 136 25.21 -12.58 5.88
C PHE B 136 26.33 -12.44 4.87
N ARG B 137 26.68 -13.50 4.13
CA ARG B 137 27.56 -13.36 2.98
C ARG B 137 26.83 -12.79 1.77
N ILE B 138 25.51 -12.62 1.87
CA ILE B 138 24.77 -11.85 0.87
C ILE B 138 25.30 -10.42 0.78
N PHE B 139 25.61 -9.83 1.94
CA PHE B 139 26.10 -8.46 1.98
C PHE B 139 27.49 -8.31 1.36
N LYS B 140 28.19 -9.41 1.07
CA LYS B 140 29.46 -9.33 0.37
C LYS B 140 29.31 -8.87 -1.08
N PHE B 141 28.09 -8.83 -1.59
CA PHE B 141 27.83 -8.30 -2.93
C PHE B 141 27.93 -6.78 -2.99
N SER B 142 28.21 -6.11 -1.86
CA SER B 142 28.34 -4.66 -1.87
C SER B 142 29.50 -4.21 -2.75
N ARG B 143 30.60 -4.98 -2.74
CA ARG B 143 31.71 -4.67 -3.63
C ARG B 143 31.31 -4.80 -5.09
N HIS B 144 30.51 -5.83 -5.41
CA HIS B 144 30.16 -6.08 -6.80
C HIS B 144 29.14 -5.08 -7.33
N SER B 145 28.15 -4.73 -6.51
CA SER B 145 27.05 -3.87 -6.93
C SER B 145 27.22 -2.48 -6.35
N GLN B 146 27.19 -1.47 -7.23
CA GLN B 146 27.27 -0.10 -6.77
C GLN B 146 25.98 0.32 -6.07
N GLY B 147 24.84 -0.27 -6.44
CA GLY B 147 23.58 0.12 -5.84
C GLY B 147 23.53 -0.13 -4.35
N LEU B 148 24.12 -1.24 -3.90
CA LEU B 148 24.17 -1.51 -2.46
C LEU B 148 24.99 -0.45 -1.74
N ARG B 149 26.12 -0.04 -2.32
CA ARG B 149 26.93 1.00 -1.71
C ARG B 149 26.18 2.32 -1.65
N ILE B 150 25.45 2.66 -2.73
CA ILE B 150 24.66 3.89 -2.71
C ILE B 150 23.58 3.82 -1.64
N LEU B 151 22.91 2.67 -1.52
CA LEU B 151 21.88 2.51 -0.51
C LEU B 151 22.45 2.65 0.90
N GLY B 152 23.62 2.06 1.14
CA GLY B 152 24.28 2.22 2.43
C GLY B 152 24.65 3.66 2.71
N TYR B 153 25.17 4.36 1.70
CA TYR B 153 25.51 5.77 1.87
C TYR B 153 24.28 6.60 2.21
N THR B 154 23.15 6.33 1.53
CA THR B 154 21.93 7.08 1.82
C THR B 154 21.40 6.77 3.21
N LEU B 155 21.45 5.49 3.62
CA LEU B 155 20.99 5.14 4.96
C LEU B 155 21.87 5.77 6.03
N LYS B 156 23.17 5.90 5.77
CA LYS B 156 24.06 6.57 6.72
C LYS B 156 23.81 8.07 6.74
N SER B 157 23.50 8.66 5.58
CA SER B 157 23.34 10.12 5.51
C SER B 157 22.11 10.57 6.28
N CYS B 158 20.96 9.95 6.05
CA CYS B 158 19.73 10.32 6.74
C CYS B 158 19.51 9.46 7.99
N ALA B 159 20.52 9.48 8.86
CA ALA B 159 20.42 8.70 10.09
C ALA B 159 19.42 9.30 11.06
N SER B 160 19.31 10.64 11.09
CA SER B 160 18.34 11.28 11.97
C SER B 160 16.90 11.00 11.52
N GLU B 161 16.68 10.95 10.20
CA GLU B 161 15.33 10.67 9.70
C GLU B 161 14.89 9.26 10.05
N LEU B 162 15.79 8.28 9.97
CA LEU B 162 15.46 6.92 10.40
C LEU B 162 15.22 6.87 11.90
N GLY B 163 15.99 7.64 12.67
CA GLY B 163 15.76 7.69 14.10
C GLY B 163 14.39 8.25 14.46
N PHE B 164 13.99 9.34 13.79
CA PHE B 164 12.65 9.88 14.01
C PHE B 164 11.58 8.91 13.53
N LEU B 165 11.84 8.22 12.41
CA LEU B 165 10.91 7.19 11.94
C LEU B 165 10.69 6.14 13.02
N LEU B 166 11.77 5.62 13.59
CA LEU B 166 11.66 4.59 14.62
C LEU B 166 10.94 5.13 15.86
N PHE B 167 11.27 6.35 16.28
CA PHE B 167 10.66 6.91 17.48
C PHE B 167 9.16 7.12 17.30
N SER B 168 8.77 7.75 16.19
CA SER B 168 7.36 8.01 15.94
C SER B 168 6.59 6.71 15.73
N LEU B 169 7.21 5.74 15.04
CA LEU B 169 6.56 4.45 14.83
C LEU B 169 6.32 3.74 16.16
N THR B 170 7.32 3.74 17.05
CA THR B 170 7.14 3.12 18.36
C THR B 170 6.07 3.85 19.16
N MET B 171 6.07 5.18 19.10
CA MET B 171 5.07 5.97 19.83
C MET B 171 3.66 5.62 19.37
N ALA B 172 3.43 5.66 18.05
CA ALA B 172 2.12 5.36 17.51
C ALA B 172 1.72 3.91 17.77
N ILE B 173 2.68 2.98 17.68
CA ILE B 173 2.39 1.58 17.94
C ILE B 173 1.93 1.41 19.38
N ILE B 174 2.63 2.03 20.33
CA ILE B 174 2.25 1.91 21.73
C ILE B 174 0.86 2.50 21.96
N ILE B 175 0.60 3.69 21.42
CA ILE B 175 -0.69 4.35 21.65
C ILE B 175 -1.83 3.52 21.08
N PHE B 176 -1.71 3.11 19.81
CA PHE B 176 -2.79 2.39 19.16
C PHE B 176 -2.95 0.99 19.73
N ALA B 177 -1.85 0.33 20.13
CA ALA B 177 -1.97 -0.97 20.76
C ALA B 177 -2.70 -0.88 22.09
N THR B 178 -2.39 0.13 22.90
CA THR B 178 -3.10 0.31 24.15
C THR B 178 -4.59 0.56 23.90
N VAL B 179 -4.89 1.43 22.93
CA VAL B 179 -6.29 1.75 22.64
C VAL B 179 -7.04 0.50 22.18
N MET B 180 -6.43 -0.28 21.28
CA MET B 180 -7.10 -1.46 20.76
C MET B 180 -7.25 -2.53 21.82
N PHE B 181 -6.22 -2.71 22.67
CA PHE B 181 -6.32 -3.70 23.74
C PHE B 181 -7.43 -3.35 24.71
N TYR B 182 -7.52 -2.08 25.11
CA TYR B 182 -8.57 -1.69 26.03
C TYR B 182 -9.93 -1.56 25.37
N ALA B 183 -9.99 -1.53 24.04
CA ALA B 183 -11.26 -1.52 23.33
C ALA B 183 -11.70 -2.90 22.87
N GLU B 184 -10.78 -3.84 22.72
CA GLU B 184 -11.06 -5.19 22.23
C GLU B 184 -10.60 -6.23 23.25
N LYS B 185 -10.95 -6.03 24.51
CA LYS B 185 -10.57 -6.93 25.59
C LYS B 185 -11.68 -7.89 26.01
N GLY B 186 -12.93 -7.43 25.97
CA GLY B 186 -14.04 -8.22 26.48
C GLY B 186 -14.77 -9.03 25.42
N SER B 187 -14.14 -9.25 24.28
CA SER B 187 -14.77 -10.04 23.23
C SER B 187 -14.83 -11.51 23.64
N SER B 188 -15.66 -12.26 22.91
CA SER B 188 -15.85 -13.67 23.22
C SER B 188 -14.55 -14.45 23.05
N ALA B 189 -14.00 -14.45 21.84
CA ALA B 189 -12.73 -15.11 21.54
C ALA B 189 -11.82 -14.05 20.92
N SER B 190 -11.12 -13.31 21.78
CA SER B 190 -10.28 -12.20 21.36
C SER B 190 -8.81 -12.59 21.47
N LYS B 191 -8.04 -12.24 20.45
CA LYS B 191 -6.59 -12.46 20.46
C LYS B 191 -5.83 -11.26 21.03
N PHE B 192 -6.54 -10.22 21.45
CA PHE B 192 -5.92 -9.05 22.09
C PHE B 192 -5.77 -9.30 23.60
N THR B 193 -4.96 -10.32 23.92
CA THR B 193 -4.80 -10.70 25.32
C THR B 193 -3.98 -9.70 26.12
N SER B 194 -3.11 -8.93 25.46
CA SER B 194 -2.26 -7.97 26.15
C SER B 194 -1.80 -6.92 25.16
N ILE B 195 -1.27 -5.82 25.69
CA ILE B 195 -0.72 -4.76 24.83
C ILE B 195 0.42 -5.28 23.96
N PRO B 196 1.39 -6.05 24.46
CA PRO B 196 2.38 -6.64 23.55
C PRO B 196 1.76 -7.53 22.49
N ALA B 197 0.65 -8.19 22.80
CA ALA B 197 -0.05 -9.00 21.81
C ALA B 197 -0.78 -8.15 20.78
N ALA B 198 -1.02 -6.87 21.07
CA ALA B 198 -1.61 -5.95 20.11
C ALA B 198 -0.55 -5.22 19.29
N PHE B 199 0.73 -5.36 19.63
CA PHE B 199 1.78 -4.77 18.81
C PHE B 199 1.77 -5.37 17.41
N TRP B 200 1.56 -6.67 17.32
CA TRP B 200 1.50 -7.34 16.02
C TRP B 200 0.38 -6.77 15.16
N TYR B 201 -0.81 -6.66 15.73
CA TYR B 201 -1.94 -6.11 14.98
C TYR B 201 -1.68 -4.66 14.58
N THR B 202 -1.11 -3.87 15.50
CA THR B 202 -0.85 -2.47 15.20
C THR B 202 0.15 -2.31 14.07
N ILE B 203 1.23 -3.11 14.08
CA ILE B 203 2.24 -2.98 13.03
C ILE B 203 1.74 -3.54 11.71
N VAL B 204 0.84 -4.53 11.76
CA VAL B 204 0.24 -5.03 10.52
C VAL B 204 -0.71 -3.99 9.93
N THR B 205 -1.49 -3.32 10.77
CA THR B 205 -2.47 -2.36 10.28
C THR B 205 -1.80 -1.07 9.80
N MET B 206 -0.80 -0.58 10.54
CA MET B 206 -0.16 0.69 10.18
C MET B 206 0.52 0.61 8.82
N THR B 207 1.19 -0.51 8.54
CA THR B 207 1.88 -0.66 7.26
C THR B 207 0.95 -0.97 6.11
N THR B 208 -0.37 -0.89 6.32
CA THR B 208 -1.36 -1.23 5.30
C THR B 208 -1.11 -2.62 4.73
N LEU B 209 -0.78 -3.56 5.60
CA LEU B 209 -0.49 -4.93 5.17
C LEU B 209 -1.74 -5.80 5.23
N GLY B 210 -2.27 -6.02 6.43
CA GLY B 210 -3.51 -6.77 6.56
C GLY B 210 -3.25 -8.26 6.57
N TYR B 211 -3.75 -8.96 7.59
CA TYR B 211 -3.59 -10.41 7.63
C TYR B 211 -4.92 -11.09 7.91
N GLY B 212 -5.75 -10.47 8.74
CA GLY B 212 -7.05 -11.01 9.08
C GLY B 212 -7.05 -11.99 10.23
N ASP B 213 -5.87 -12.39 10.73
CA ASP B 213 -5.83 -13.25 11.91
C ASP B 213 -6.29 -12.51 13.15
N MET B 214 -5.85 -11.27 13.31
CA MET B 214 -6.23 -10.42 14.44
C MET B 214 -6.99 -9.22 13.87
N VAL B 215 -8.30 -9.19 14.06
CA VAL B 215 -9.13 -8.09 13.59
C VAL B 215 -10.03 -7.63 14.73
N PRO B 216 -10.38 -6.34 14.80
CA PRO B 216 -11.32 -5.91 15.84
C PRO B 216 -12.72 -6.44 15.58
N LYS B 217 -13.44 -6.72 16.67
CA LYS B 217 -14.80 -7.24 16.59
C LYS B 217 -15.78 -6.37 17.38
N THR B 218 -15.39 -5.16 17.72
CA THR B 218 -16.25 -4.23 18.46
C THR B 218 -16.31 -2.90 17.74
N ILE B 219 -17.40 -2.16 17.95
CA ILE B 219 -17.57 -0.87 17.31
C ILE B 219 -16.48 0.09 17.76
N ALA B 220 -16.16 0.08 19.06
CA ALA B 220 -15.08 0.93 19.56
C ALA B 220 -13.74 0.54 18.97
N GLY B 221 -13.47 -0.77 18.85
CA GLY B 221 -12.21 -1.22 18.29
C GLY B 221 -12.09 -1.04 16.79
N LYS B 222 -13.22 -0.99 16.07
CA LYS B 222 -13.17 -0.77 14.63
C LYS B 222 -12.89 0.69 14.27
N ILE B 223 -13.40 1.63 15.08
CA ILE B 223 -13.15 3.05 14.81
C ILE B 223 -11.67 3.35 14.97
N PHE B 224 -11.06 2.85 16.04
CA PHE B 224 -9.62 3.05 16.25
C PHE B 224 -8.77 2.07 15.45
N GLY B 225 -9.37 1.01 14.91
CA GLY B 225 -8.65 0.13 14.01
C GLY B 225 -8.53 0.64 12.60
N SER B 226 -9.32 1.65 12.24
CA SER B 226 -9.23 2.31 10.94
C SER B 226 -8.41 3.58 10.99
N ILE B 227 -8.47 4.32 12.11
CA ILE B 227 -7.60 5.47 12.29
C ILE B 227 -6.15 5.02 12.34
N CYS B 228 -5.89 3.84 12.90
CA CYS B 228 -4.54 3.29 12.94
C CYS B 228 -3.99 3.09 11.53
N SER B 229 -4.81 2.61 10.61
CA SER B 229 -4.37 2.42 9.24
C SER B 229 -4.03 3.75 8.58
N LEU B 230 -4.88 4.77 8.77
CA LEU B 230 -4.59 6.09 8.22
C LEU B 230 -3.36 6.71 8.87
N SER B 231 -3.22 6.55 10.20
CA SER B 231 -2.05 7.08 10.89
C SER B 231 -0.78 6.35 10.48
N GLY B 232 -0.90 5.09 10.05
CA GLY B 232 0.27 4.38 9.57
C GLY B 232 0.82 4.97 8.29
N VAL B 233 -0.07 5.37 7.37
CA VAL B 233 0.36 6.01 6.14
C VAL B 233 1.05 7.34 6.44
N LEU B 234 0.48 8.12 7.36
CA LEU B 234 1.05 9.43 7.68
C LEU B 234 2.44 9.29 8.29
N VAL B 235 2.60 8.36 9.23
CA VAL B 235 3.88 8.24 9.93
C VAL B 235 4.95 7.69 9.01
N ILE B 236 4.62 6.62 8.26
CA ILE B 236 5.62 5.96 7.43
C ILE B 236 6.05 6.82 6.25
N ALA B 237 5.12 7.57 5.66
CA ALA B 237 5.41 8.31 4.44
C ALA B 237 6.13 9.63 4.67
N LEU B 238 6.48 9.96 5.92
CA LEU B 238 7.25 11.18 6.15
C LEU B 238 8.73 10.97 5.81
N PRO B 239 9.39 9.91 6.29
CA PRO B 239 10.79 9.69 5.92
C PRO B 239 10.99 8.93 4.62
N VAL B 240 9.92 8.47 3.96
CA VAL B 240 10.08 7.77 2.68
C VAL B 240 10.67 8.67 1.61
N PRO B 241 10.14 9.89 1.37
CA PRO B 241 10.75 10.72 0.31
C PRO B 241 12.21 11.08 0.56
N VAL B 242 12.59 11.36 1.81
CA VAL B 242 13.96 11.79 2.07
C VAL B 242 14.95 10.65 1.81
N ILE B 243 14.56 9.40 2.09
CA ILE B 243 15.41 8.27 1.74
C ILE B 243 15.52 8.14 0.22
N VAL B 244 14.39 8.30 -0.48
CA VAL B 244 14.41 8.18 -1.94
C VAL B 244 15.12 9.38 -2.56
N SER B 245 14.86 10.58 -2.04
CA SER B 245 15.50 11.78 -2.58
C SER B 245 17.01 11.72 -2.42
N ASN B 246 17.49 11.24 -1.27
CA ASN B 246 18.92 11.06 -1.07
C ASN B 246 19.48 10.03 -2.05
N PHE B 247 18.73 8.96 -2.30
CA PHE B 247 19.18 7.96 -3.26
C PHE B 247 19.28 8.54 -4.66
N SER B 248 18.28 9.33 -5.07
CA SER B 248 18.35 9.98 -6.37
C SER B 248 19.49 10.99 -6.45
N ARG B 249 19.70 11.75 -5.37
CA ARG B 249 20.74 12.77 -5.38
C ARG B 249 22.13 12.14 -5.38
N ILE B 250 22.36 11.15 -4.51
CA ILE B 250 23.68 10.53 -4.41
C ILE B 250 24.02 9.77 -5.69
N TYR B 251 23.07 9.01 -6.22
CA TYR B 251 23.33 8.25 -7.43
C TYR B 251 23.60 9.18 -8.63
N HIS B 252 22.83 10.27 -8.74
CA HIS B 252 23.03 11.20 -9.83
C HIS B 252 24.36 11.93 -9.70
N GLN B 253 24.74 12.33 -8.49
CA GLN B 253 25.99 13.05 -8.29
C GLN B 253 27.22 12.19 -8.56
N ASN B 254 27.06 10.86 -8.54
CA ASN B 254 28.18 10.00 -8.89
C ASN B 254 28.43 9.98 -10.40
N GLN B 255 27.41 10.29 -11.18
CA GLN B 255 27.54 10.30 -12.64
C GLN B 255 28.14 11.61 -13.12
N PRO C 1 21.53 36.73 34.91
CA PRO C 1 20.63 36.52 36.04
C PRO C 1 20.71 37.63 37.07
N THR C 2 20.31 38.85 36.68
CA THR C 2 20.33 39.98 37.60
C THR C 2 19.14 40.00 38.54
N MET C 3 18.18 39.10 38.36
CA MET C 3 16.98 39.06 39.19
C MET C 3 16.79 37.69 39.82
N THR C 4 15.59 37.43 40.35
CA THR C 4 15.33 36.23 41.15
C THR C 4 15.51 34.94 40.36
N ALA C 5 15.34 33.80 41.05
CA ALA C 5 15.66 32.50 40.49
C ALA C 5 14.70 32.05 39.39
N ARG C 6 13.61 32.78 39.17
CA ARG C 6 12.60 32.34 38.21
C ARG C 6 13.18 32.22 36.80
N GLN C 7 13.88 33.27 36.35
CA GLN C 7 14.37 33.27 34.98
C GLN C 7 15.60 32.38 34.81
N ARG C 8 16.47 32.34 35.81
CA ARG C 8 17.70 31.56 35.67
C ARG C 8 17.46 30.06 35.71
N VAL C 9 16.28 29.61 36.11
CA VAL C 9 15.95 28.19 36.07
C VAL C 9 15.03 27.95 34.89
N TRP C 10 14.33 28.99 34.44
CA TRP C 10 13.51 28.87 33.24
C TRP C 10 14.35 28.69 31.99
N ARG C 11 15.50 29.36 31.93
CA ARG C 11 16.41 29.17 30.80
C ARG C 11 16.92 27.74 30.74
N ALA C 12 17.03 27.07 31.89
CA ALA C 12 17.38 25.66 31.90
C ALA C 12 16.23 24.80 31.40
N PHE C 13 14.99 25.18 31.75
CA PHE C 13 13.83 24.43 31.30
C PHE C 13 13.63 24.56 29.80
N GLU C 14 13.67 25.80 29.29
CA GLU C 14 13.46 26.02 27.86
C GLU C 14 14.62 25.46 27.03
N ASN C 15 15.85 25.62 27.53
CA ASN C 15 17.05 25.14 26.85
C ASN C 15 17.67 24.06 27.73
N PRO C 16 17.41 22.77 27.45
CA PRO C 16 17.98 21.71 28.28
C PRO C 16 19.39 21.30 27.90
N HIS C 17 19.89 21.74 26.75
CA HIS C 17 21.24 21.39 26.32
C HIS C 17 22.31 22.31 26.90
N THR C 18 21.91 23.37 27.60
CA THR C 18 22.85 24.28 28.24
C THR C 18 23.08 23.88 29.69
N SER C 19 24.17 24.39 30.26
CA SER C 19 24.56 24.11 31.64
C SER C 19 24.70 22.62 31.89
N THR C 20 24.60 22.19 33.14
CA THR C 20 24.69 20.78 33.48
C THR C 20 23.47 20.34 34.28
N MET C 21 22.85 21.27 35.01
CA MET C 21 21.64 20.94 35.75
C MET C 21 20.46 20.71 34.81
N ALA C 22 20.40 21.45 33.71
CA ALA C 22 19.33 21.26 32.73
C ALA C 22 19.43 19.89 32.07
N LEU C 23 20.65 19.46 31.74
CA LEU C 23 20.82 18.16 31.10
C LEU C 23 20.41 17.03 32.03
N VAL C 24 20.73 17.14 33.31
CA VAL C 24 20.30 16.12 34.28
C VAL C 24 18.79 16.09 34.38
N PHE C 25 18.15 17.26 34.45
CA PHE C 25 16.69 17.30 34.52
C PHE C 25 16.07 16.82 33.23
N TYR C 26 16.69 17.11 32.09
CA TYR C 26 16.16 16.67 30.80
C TYR C 26 16.15 15.15 30.70
N TYR C 27 17.22 14.50 31.15
CA TYR C 27 17.30 13.05 31.05
C TYR C 27 16.45 12.36 32.12
N VAL C 28 16.40 12.93 33.32
CA VAL C 28 15.68 12.28 34.41
C VAL C 28 14.18 12.27 34.15
N THR C 29 13.66 13.32 33.50
CA THR C 29 12.24 13.33 33.15
C THR C 29 11.95 12.34 32.03
N GLY C 30 12.82 12.27 31.03
CA GLY C 30 12.61 11.34 29.94
C GLY C 30 12.68 9.89 30.40
N PHE C 31 13.58 9.60 31.34
CA PHE C 31 13.68 8.24 31.88
C PHE C 31 12.41 7.85 32.63
N PHE C 32 11.85 8.78 33.40
CA PHE C 32 10.64 8.48 34.15
C PHE C 32 9.42 8.36 33.23
N ILE C 33 9.39 9.15 32.16
CA ILE C 33 8.32 8.98 31.16
C ILE C 33 8.44 7.63 30.48
N ALA C 34 9.67 7.25 30.12
CA ALA C 34 9.89 5.98 29.43
C ALA C 34 9.54 4.80 30.33
N VAL C 35 9.96 4.85 31.60
CA VAL C 35 9.69 3.73 32.50
C VAL C 35 8.21 3.65 32.85
N SER C 36 7.49 4.77 32.76
CA SER C 36 6.06 4.75 33.08
C SER C 36 5.27 4.05 31.97
N VAL C 37 5.57 4.38 30.72
CA VAL C 37 4.82 3.80 29.60
C VAL C 37 5.19 2.33 29.41
N ILE C 38 6.44 1.96 29.74
CA ILE C 38 6.81 0.55 29.68
C ILE C 38 6.09 -0.24 30.76
N ALA C 39 5.96 0.34 31.96
CA ALA C 39 5.24 -0.34 33.03
C ALA C 39 3.76 -0.53 32.67
N ASN C 40 3.17 0.45 31.98
CA ASN C 40 1.79 0.31 31.54
C ASN C 40 1.65 -0.85 30.55
N VAL C 41 2.63 -0.99 29.65
CA VAL C 41 2.62 -2.10 28.70
C VAL C 41 2.86 -3.42 29.43
N VAL C 42 3.82 -3.44 30.36
CA VAL C 42 4.21 -4.68 31.00
C VAL C 42 3.09 -5.22 31.89
N GLU C 43 2.37 -4.33 32.59
CA GLU C 43 1.36 -4.78 33.54
C GLU C 43 0.19 -5.51 32.87
N THR C 44 0.05 -5.39 31.55
CA THR C 44 -1.06 -6.06 30.87
C THR C 44 -0.69 -7.49 30.49
N VAL C 45 0.59 -7.75 30.24
CA VAL C 45 1.03 -9.09 29.87
C VAL C 45 1.46 -9.86 31.11
N HIS C 53 -1.98 -23.61 38.23
CA HIS C 53 -2.49 -22.32 38.67
C HIS C 53 -3.98 -22.20 38.37
N ILE C 54 -4.66 -21.28 39.07
CA ILE C 54 -6.09 -21.10 38.86
C ILE C 54 -6.37 -20.54 37.46
N LYS C 55 -5.54 -19.62 37.00
CA LYS C 55 -5.71 -19.01 35.68
C LYS C 55 -4.43 -18.29 35.31
N GLU C 56 -4.33 -17.91 34.03
CA GLU C 56 -3.20 -17.13 33.53
C GLU C 56 -3.40 -15.69 33.98
N LEU C 57 -3.05 -15.44 35.23
CA LEU C 57 -3.26 -14.13 35.83
C LEU C 57 -2.23 -13.14 35.28
N PRO C 58 -2.66 -12.00 34.73
CA PRO C 58 -1.71 -10.99 34.26
C PRO C 58 -0.87 -10.40 35.39
N CYS C 59 0.07 -9.52 35.05
CA CYS C 59 0.99 -8.94 36.00
C CYS C 59 0.42 -7.73 36.73
N GLY C 60 -0.91 -7.60 36.79
CA GLY C 60 -1.52 -6.47 37.46
C GLY C 60 -2.50 -6.85 38.56
N GLU C 61 -2.56 -8.14 38.90
CA GLU C 61 -3.42 -8.60 39.99
C GLU C 61 -2.62 -9.15 41.16
N ARG C 62 -1.75 -10.14 40.94
CA ARG C 62 -0.80 -10.53 41.98
C ARG C 62 0.17 -9.40 42.28
N TYR C 63 0.61 -8.70 41.24
CA TYR C 63 1.33 -7.44 41.36
C TYR C 63 0.34 -6.29 41.45
N ALA C 64 0.81 -5.08 41.19
CA ALA C 64 0.09 -3.81 41.35
C ALA C 64 0.07 -3.34 42.81
N VAL C 65 0.91 -3.94 43.65
CA VAL C 65 1.34 -3.34 44.89
C VAL C 65 2.67 -2.61 44.73
N ALA C 66 3.58 -3.17 43.92
CA ALA C 66 4.77 -2.44 43.51
C ALA C 66 4.48 -1.55 42.31
N PHE C 67 3.63 -2.02 41.40
CA PHE C 67 3.27 -1.22 40.22
C PHE C 67 2.58 0.07 40.60
N PHE C 68 1.67 0.04 41.59
CA PHE C 68 1.01 1.27 42.02
C PHE C 68 2.02 2.24 42.61
N CYS C 69 2.96 1.74 43.42
CA CYS C 69 4.03 2.58 43.94
C CYS C 69 4.92 3.10 42.82
N LEU C 70 5.22 2.23 41.85
CA LEU C 70 6.00 2.65 40.68
C LEU C 70 5.25 3.69 39.86
N ASP C 71 3.95 3.47 39.67
CA ASP C 71 3.15 4.41 38.89
C ASP C 71 3.02 5.76 39.60
N THR C 72 2.76 5.73 40.91
CA THR C 72 2.59 6.98 41.65
C THR C 72 3.92 7.71 41.78
N ALA C 73 5.04 6.99 41.70
CA ALA C 73 6.35 7.64 41.72
C ALA C 73 6.54 8.49 40.47
N CYS C 74 6.13 7.97 39.31
CA CYS C 74 6.26 8.71 38.07
C CYS C 74 5.35 9.93 38.06
N VAL C 75 4.12 9.78 38.57
CA VAL C 75 3.16 10.88 38.55
C VAL C 75 3.63 12.01 39.46
N MET C 76 4.16 11.67 40.63
CA MET C 76 4.63 12.69 41.56
C MET C 76 5.75 13.51 40.94
N ILE C 77 6.66 12.86 40.22
CA ILE C 77 7.72 13.58 39.51
C ILE C 77 7.12 14.50 38.46
N PHE C 78 6.11 14.02 37.73
CA PHE C 78 5.46 14.82 36.72
C PHE C 78 4.78 16.04 37.32
N THR C 79 4.16 15.87 38.49
CA THR C 79 3.47 16.98 39.13
C THR C 79 4.45 18.04 39.63
N VAL C 80 5.52 17.61 40.30
CA VAL C 80 6.46 18.57 40.87
C VAL C 80 7.20 19.33 39.78
N GLU C 81 7.51 18.65 38.66
CA GLU C 81 8.17 19.36 37.56
C GLU C 81 7.21 20.30 36.86
N TYR C 82 5.91 19.99 36.88
CA TYR C 82 4.92 20.94 36.39
C TYR C 82 4.84 22.16 37.31
N LEU C 83 4.90 21.93 38.62
CA LEU C 83 4.89 23.05 39.57
C LEU C 83 6.13 23.91 39.42
N LEU C 84 7.28 23.29 39.16
CA LEU C 84 8.49 24.07 38.89
C LEU C 84 8.33 24.94 37.66
N ARG C 85 7.66 24.42 36.62
CA ARG C 85 7.38 25.21 35.44
C ARG C 85 6.39 26.34 35.73
N LEU C 86 5.55 26.18 36.75
CA LEU C 86 4.65 27.24 37.18
C LEU C 86 5.33 28.28 38.06
N ALA C 87 6.51 27.97 38.60
CA ALA C 87 7.27 28.89 39.43
C ALA C 87 8.38 29.59 38.67
N ALA C 88 8.45 29.42 37.35
CA ALA C 88 9.50 30.04 36.55
C ALA C 88 8.98 30.61 35.25
N ALA C 89 7.66 30.68 35.07
CA ALA C 89 7.08 31.16 33.83
C ALA C 89 6.66 32.61 33.98
N PRO C 90 7.26 33.56 33.26
CA PRO C 90 6.76 34.94 33.28
C PRO C 90 5.32 35.05 32.79
N SER C 91 4.92 34.17 31.89
CA SER C 91 3.56 34.13 31.34
C SER C 91 2.75 33.01 31.94
N ARG C 92 2.89 32.80 33.26
CA ARG C 92 2.24 31.70 33.97
C ARG C 92 0.79 31.45 33.53
N TYR C 93 0.00 32.51 33.46
CA TYR C 93 -1.37 32.37 32.99
C TYR C 93 -1.41 31.99 31.51
N ARG C 94 -0.54 32.59 30.71
CA ARG C 94 -0.47 32.23 29.29
C ARG C 94 0.20 30.88 29.10
N PHE C 95 1.18 30.55 29.96
CA PHE C 95 1.89 29.28 29.84
C PHE C 95 0.95 28.10 30.08
N VAL C 96 0.01 28.25 31.02
CA VAL C 96 -0.97 27.19 31.26
C VAL C 96 -1.81 26.95 30.01
N ARG C 97 -2.20 28.02 29.32
CA ARG C 97 -3.00 27.90 28.11
C ARG C 97 -2.23 27.27 26.95
N SER C 98 -0.91 27.13 27.06
CA SER C 98 -0.12 26.56 25.97
C SER C 98 -0.44 25.08 25.81
N VAL C 99 -0.18 24.58 24.60
CA VAL C 99 -0.49 23.18 24.28
C VAL C 99 0.40 22.24 25.09
N MET C 100 1.67 22.62 25.31
CA MET C 100 2.57 21.76 26.06
C MET C 100 2.11 21.58 27.50
N SER C 101 1.60 22.66 28.11
CA SER C 101 1.10 22.54 29.47
C SER C 101 -0.19 21.72 29.52
N ILE C 102 -1.01 21.80 28.47
CA ILE C 102 -2.25 21.03 28.42
C ILE C 102 -1.95 19.54 28.44
N ILE C 103 -0.96 19.10 27.67
CA ILE C 103 -0.56 17.70 27.66
C ILE C 103 -0.08 17.27 29.04
N ASP C 104 0.66 18.16 29.73
CA ASP C 104 1.18 17.83 31.04
C ASP C 104 0.06 17.58 32.04
N VAL C 105 -0.99 18.42 32.01
CA VAL C 105 -2.12 18.22 32.91
C VAL C 105 -2.88 16.96 32.56
N VAL C 106 -3.05 16.69 31.26
CA VAL C 106 -3.78 15.50 30.82
C VAL C 106 -3.05 14.23 31.26
N ALA C 107 -1.72 14.30 31.34
CA ALA C 107 -0.95 13.13 31.74
C ALA C 107 -1.16 12.79 33.20
N ILE C 108 -1.34 13.80 34.06
CA ILE C 108 -1.42 13.56 35.50
C ILE C 108 -2.85 13.53 36.02
N LEU C 109 -3.83 14.01 35.24
CA LEU C 109 -5.22 14.03 35.72
C LEU C 109 -5.77 12.63 36.03
N PRO C 110 -5.60 11.61 35.19
CA PRO C 110 -6.24 10.32 35.50
C PRO C 110 -5.84 9.72 36.84
N TYR C 111 -4.58 9.90 37.25
CA TYR C 111 -4.15 9.34 38.52
C TYR C 111 -4.90 9.98 39.69
N TYR C 112 -5.03 11.31 39.67
CA TYR C 112 -5.72 11.99 40.76
C TYR C 112 -7.22 11.78 40.68
N ILE C 113 -7.77 11.76 39.47
CA ILE C 113 -9.19 11.46 39.30
C ILE C 113 -9.50 10.05 39.78
N GLY C 114 -8.64 9.09 39.45
CA GLY C 114 -8.85 7.73 39.92
C GLY C 114 -8.80 7.61 41.43
N LEU C 115 -7.90 8.35 42.07
CA LEU C 115 -7.84 8.33 43.54
C LEU C 115 -9.13 8.87 44.15
N VAL C 116 -9.67 9.94 43.58
CA VAL C 116 -10.95 10.47 44.06
C VAL C 116 -12.07 9.47 43.80
N MET C 117 -12.06 8.85 42.62
CA MET C 117 -13.13 7.92 42.27
C MET C 117 -13.15 6.71 43.19
N THR C 118 -11.97 6.18 43.52
CA THR C 118 -11.90 4.99 44.36
C THR C 118 -12.09 5.30 45.84
N ASP C 119 -12.00 6.57 46.25
CA ASP C 119 -12.23 6.93 47.64
C ASP C 119 -13.67 6.64 48.06
N ASN C 120 -14.63 6.96 47.20
CA ASN C 120 -16.05 6.72 47.44
C ASN C 120 -16.57 5.82 46.33
N GLU C 121 -16.94 4.59 46.70
CA GLU C 121 -17.45 3.59 45.77
C GLU C 121 -16.43 3.26 44.68
N ASP C 122 -16.83 2.41 43.72
CA ASP C 122 -15.94 2.03 42.62
C ASP C 122 -16.80 1.48 41.50
N VAL C 123 -16.49 1.91 40.27
CA VAL C 123 -17.20 1.45 39.08
C VAL C 123 -16.17 1.06 38.02
N SER C 124 -16.59 0.15 37.13
CA SER C 124 -15.75 -0.32 36.04
C SER C 124 -15.96 0.45 34.75
N GLY C 125 -16.91 1.37 34.71
CA GLY C 125 -17.14 2.13 33.49
C GLY C 125 -15.97 3.06 33.15
N ALA C 126 -15.45 3.76 34.15
CA ALA C 126 -14.31 4.64 33.97
C ALA C 126 -12.98 3.97 34.29
N PHE C 127 -13.01 2.70 34.68
CA PHE C 127 -11.77 1.99 35.02
C PHE C 127 -10.86 1.88 33.80
N VAL C 128 -11.41 1.43 32.66
CA VAL C 128 -10.61 1.31 31.45
C VAL C 128 -10.45 2.67 30.77
N THR C 129 -11.42 3.57 30.96
CA THR C 129 -11.32 4.89 30.35
C THR C 129 -10.15 5.68 30.92
N LEU C 130 -9.95 5.63 32.24
CA LEU C 130 -8.82 6.31 32.84
C LEU C 130 -7.50 5.65 32.45
N ARG C 131 -7.50 4.32 32.29
CA ARG C 131 -6.30 3.63 31.87
C ARG C 131 -5.94 3.96 30.43
N VAL C 132 -6.94 4.19 29.57
CA VAL C 132 -6.66 4.60 28.20
C VAL C 132 -5.99 5.96 28.18
N PHE C 133 -6.47 6.89 29.01
CA PHE C 133 -5.87 8.22 29.08
C PHE C 133 -4.45 8.18 29.65
N ARG C 134 -4.08 7.11 30.35
CA ARG C 134 -2.79 7.07 31.02
C ARG C 134 -1.64 6.97 30.03
N VAL C 135 -1.90 6.46 28.82
CA VAL C 135 -0.83 6.36 27.82
C VAL C 135 -0.53 7.69 27.17
N PHE C 136 -1.35 8.71 27.43
CA PHE C 136 -1.14 10.02 26.82
C PHE C 136 0.05 10.76 27.41
N ARG C 137 0.79 10.18 28.35
CA ARG C 137 2.08 10.72 28.74
C ARG C 137 3.17 10.41 27.72
N ILE C 138 2.84 9.60 26.70
CA ILE C 138 3.72 9.44 25.55
C ILE C 138 3.95 10.78 24.87
N PHE C 139 2.90 11.61 24.78
CA PHE C 139 3.00 12.91 24.13
C PHE C 139 3.89 13.88 24.90
N LYS C 140 4.26 13.56 26.15
CA LYS C 140 5.21 14.39 26.87
C LYS C 140 6.61 14.35 26.27
N PHE C 141 6.87 13.43 25.34
CA PHE C 141 8.14 13.37 24.64
C PHE C 141 8.29 14.48 23.60
N SER C 142 7.28 15.34 23.44
CA SER C 142 7.38 16.43 22.47
C SER C 142 8.50 17.39 22.83
N ARG C 143 8.68 17.66 24.14
CA ARG C 143 9.77 18.51 24.58
C ARG C 143 11.12 17.90 24.24
N HIS C 144 11.25 16.59 24.41
CA HIS C 144 12.55 15.93 24.20
C HIS C 144 12.89 15.81 22.72
N SER C 145 11.90 15.50 21.89
CA SER C 145 12.12 15.22 20.48
C SER C 145 11.68 16.41 19.63
N GLN C 146 12.58 16.89 18.77
CA GLN C 146 12.23 18.00 17.89
C GLN C 146 11.28 17.56 16.79
N GLY C 147 11.32 16.29 16.39
CA GLY C 147 10.46 15.82 15.33
C GLY C 147 8.98 15.91 15.69
N LEU C 148 8.63 15.58 16.93
CA LEU C 148 7.24 15.67 17.35
C LEU C 148 6.73 17.10 17.31
N ARG C 149 7.55 18.06 17.74
CA ARG C 149 7.16 19.46 17.64
C ARG C 149 6.95 19.88 16.20
N ILE C 150 7.83 19.44 15.30
CA ILE C 150 7.66 19.73 13.88
C ILE C 150 6.43 19.02 13.34
N LEU C 151 6.19 17.79 13.77
CA LEU C 151 5.01 17.05 13.31
C LEU C 151 3.73 17.74 13.73
N GLY C 152 3.70 18.29 14.95
CA GLY C 152 2.53 19.04 15.39
C GLY C 152 2.33 20.32 14.59
N TYR C 153 3.42 20.99 14.24
CA TYR C 153 3.32 22.22 13.46
C TYR C 153 2.75 21.94 12.07
N THR C 154 3.20 20.87 11.42
CA THR C 154 2.77 20.60 10.05
C THR C 154 1.31 20.15 9.97
N LEU C 155 0.81 19.48 11.00
CA LEU C 155 -0.60 19.12 11.00
C LEU C 155 -1.47 20.35 11.21
N LYS C 156 -0.97 21.32 11.96
CA LYS C 156 -1.70 22.57 12.14
C LYS C 156 -1.63 23.45 10.90
N SER C 157 -0.50 23.42 10.18
CA SER C 157 -0.33 24.29 9.03
C SER C 157 -1.30 23.94 7.91
N CYS C 158 -1.35 22.66 7.53
CA CYS C 158 -2.29 22.19 6.51
C CYS C 158 -3.55 21.64 7.15
N ALA C 159 -4.21 22.49 7.95
CA ALA C 159 -5.44 22.08 8.63
C ALA C 159 -6.59 21.91 7.64
N SER C 160 -6.63 22.73 6.59
CA SER C 160 -7.70 22.61 5.60
C SER C 160 -7.56 21.31 4.81
N GLU C 161 -6.33 20.91 4.47
CA GLU C 161 -6.13 19.69 3.71
C GLU C 161 -6.59 18.48 4.50
N LEU C 162 -6.29 18.44 5.80
CA LEU C 162 -6.83 17.39 6.66
C LEU C 162 -8.34 17.52 6.78
N GLY C 163 -8.86 18.74 6.85
CA GLY C 163 -10.31 18.93 6.85
C GLY C 163 -10.95 18.40 5.58
N PHE C 164 -10.31 18.62 4.44
CA PHE C 164 -10.82 18.06 3.19
C PHE C 164 -10.63 16.54 3.15
N LEU C 165 -9.54 16.04 3.73
CA LEU C 165 -9.33 14.60 3.79
C LEU C 165 -10.47 13.91 4.54
N LEU C 166 -10.84 14.45 5.70
CA LEU C 166 -11.93 13.86 6.47
C LEU C 166 -13.25 13.96 5.73
N PHE C 167 -13.50 15.09 5.07
CA PHE C 167 -14.77 15.27 4.37
C PHE C 167 -14.84 14.40 3.12
N SER C 168 -13.77 14.38 2.33
CA SER C 168 -13.75 13.56 1.12
C SER C 168 -13.78 12.07 1.45
N LEU C 169 -13.07 11.66 2.51
CA LEU C 169 -13.08 10.26 2.91
C LEU C 169 -14.47 9.82 3.35
N THR C 170 -15.15 10.67 4.13
CA THR C 170 -16.54 10.39 4.50
C THR C 170 -17.43 10.35 3.27
N MET C 171 -17.13 11.19 2.28
CA MET C 171 -17.87 11.18 1.02
C MET C 171 -17.75 9.83 0.32
N ALA C 172 -16.53 9.31 0.20
CA ALA C 172 -16.33 8.05 -0.50
C ALA C 172 -16.79 6.86 0.32
N ILE C 173 -16.61 6.92 1.65
CA ILE C 173 -17.02 5.81 2.50
C ILE C 173 -18.53 5.61 2.42
N ILE C 174 -19.29 6.71 2.51
CA ILE C 174 -20.75 6.61 2.48
C ILE C 174 -21.23 6.16 1.11
N ILE C 175 -20.64 6.70 0.04
CA ILE C 175 -21.08 6.37 -1.31
C ILE C 175 -20.82 4.90 -1.62
N PHE C 176 -19.62 4.42 -1.28
CA PHE C 176 -19.27 3.04 -1.64
C PHE C 176 -19.94 2.03 -0.71
N ALA C 177 -20.15 2.37 0.56
CA ALA C 177 -20.81 1.45 1.47
C ALA C 177 -22.27 1.23 1.06
N THR C 178 -22.94 2.29 0.62
CA THR C 178 -24.32 2.16 0.16
C THR C 178 -24.42 1.24 -1.04
N VAL C 179 -23.49 1.37 -1.98
CA VAL C 179 -23.49 0.50 -3.16
C VAL C 179 -23.18 -0.94 -2.77
N MET C 180 -22.19 -1.13 -1.90
CA MET C 180 -21.80 -2.48 -1.51
C MET C 180 -22.88 -3.16 -0.67
N PHE C 181 -23.55 -2.40 0.20
CA PHE C 181 -24.57 -2.99 1.05
C PHE C 181 -25.72 -3.54 0.21
N TYR C 182 -26.20 -2.77 -0.76
CA TYR C 182 -27.32 -3.20 -1.59
C TYR C 182 -26.93 -4.24 -2.62
N ALA C 183 -25.66 -4.33 -2.99
CA ALA C 183 -25.19 -5.35 -3.92
C ALA C 183 -24.82 -6.65 -3.24
N GLU C 184 -24.52 -6.61 -1.94
CA GLU C 184 -24.12 -7.81 -1.21
C GLU C 184 -25.05 -8.02 -0.01
N LYS C 185 -26.35 -7.91 -0.25
CA LYS C 185 -27.36 -8.08 0.79
C LYS C 185 -28.08 -9.42 0.73
N GLY C 186 -28.28 -9.97 -0.47
CA GLY C 186 -29.02 -11.19 -0.63
C GLY C 186 -28.17 -12.44 -0.67
N SER C 187 -26.93 -12.35 -0.20
CA SER C 187 -26.05 -13.50 -0.18
C SER C 187 -26.51 -14.51 0.88
N SER C 188 -25.96 -15.72 0.79
CA SER C 188 -26.34 -16.78 1.73
C SER C 188 -25.95 -16.40 3.15
N ALA C 189 -24.67 -16.20 3.40
CA ALA C 189 -24.16 -15.77 4.71
C ALA C 189 -23.35 -14.50 4.47
N SER C 190 -24.03 -13.36 4.48
CA SER C 190 -23.42 -12.08 4.20
C SER C 190 -23.23 -11.29 5.49
N LYS C 191 -22.06 -10.68 5.64
CA LYS C 191 -21.78 -9.81 6.78
C LYS C 191 -22.12 -8.35 6.49
N PHE C 192 -22.64 -8.05 5.31
CA PHE C 192 -23.09 -6.70 4.96
C PHE C 192 -24.55 -6.52 5.39
N THR C 193 -24.75 -6.63 6.70
CA THR C 193 -26.10 -6.54 7.25
C THR C 193 -26.67 -5.12 7.17
N SER C 194 -25.82 -4.10 7.16
CA SER C 194 -26.28 -2.72 7.13
C SER C 194 -25.15 -1.84 6.59
N ILE C 195 -25.52 -0.61 6.23
CA ILE C 195 -24.52 0.35 5.76
C ILE C 195 -23.47 0.64 6.83
N PRO C 196 -23.83 0.89 8.10
CA PRO C 196 -22.78 1.01 9.12
C PRO C 196 -21.94 -0.24 9.25
N ALA C 197 -22.53 -1.43 9.04
CA ALA C 197 -21.75 -2.66 9.04
C ALA C 197 -20.88 -2.77 7.78
N ALA C 198 -21.20 -2.03 6.72
CA ALA C 198 -20.38 -1.98 5.53
C ALA C 198 -19.35 -0.85 5.58
N PHE C 199 -19.39 0.01 6.60
CA PHE C 199 -18.35 1.01 6.77
C PHE C 199 -17.00 0.37 7.06
N TRP C 200 -17.00 -0.74 7.81
CA TRP C 200 -15.75 -1.42 8.13
C TRP C 200 -15.10 -1.97 6.87
N TYR C 201 -15.88 -2.56 5.98
CA TYR C 201 -15.33 -3.08 4.73
C TYR C 201 -14.77 -1.98 3.85
N THR C 202 -15.47 -0.85 3.77
CA THR C 202 -15.06 0.23 2.87
C THR C 202 -13.74 0.84 3.31
N ILE C 203 -13.60 1.14 4.60
CA ILE C 203 -12.37 1.79 5.07
C ILE C 203 -11.18 0.85 4.96
N VAL C 204 -11.40 -0.45 5.13
CA VAL C 204 -10.32 -1.42 4.95
C VAL C 204 -9.92 -1.52 3.48
N THR C 205 -10.91 -1.50 2.58
CA THR C 205 -10.61 -1.62 1.16
C THR C 205 -9.97 -0.36 0.61
N MET C 206 -10.45 0.82 1.03
CA MET C 206 -9.90 2.07 0.51
C MET C 206 -8.43 2.24 0.88
N THR C 207 -8.08 1.91 2.11
CA THR C 207 -6.69 2.06 2.56
C THR C 207 -5.77 0.98 2.03
N THR C 208 -6.24 0.16 1.09
CA THR C 208 -5.46 -0.95 0.54
C THR C 208 -4.89 -1.83 1.65
N LEU C 209 -5.73 -2.10 2.66
CA LEU C 209 -5.30 -2.90 3.80
C LEU C 209 -5.66 -4.37 3.59
N GLY C 210 -6.94 -4.69 3.52
CA GLY C 210 -7.35 -6.05 3.24
C GLY C 210 -7.38 -6.90 4.50
N TYR C 211 -8.51 -7.54 4.78
CA TYR C 211 -8.57 -8.42 5.95
C TYR C 211 -9.13 -9.78 5.56
N GLY C 212 -10.08 -9.80 4.64
CA GLY C 212 -10.69 -11.03 4.18
C GLY C 212 -11.85 -11.52 5.02
N ASP C 213 -12.11 -10.88 6.16
CA ASP C 213 -13.29 -11.25 6.95
C ASP C 213 -14.57 -10.85 6.24
N MET C 214 -14.60 -9.66 5.66
CA MET C 214 -15.75 -9.16 4.90
C MET C 214 -15.29 -8.96 3.46
N VAL C 215 -15.74 -9.84 2.57
CA VAL C 215 -15.41 -9.74 1.14
C VAL C 215 -16.69 -9.87 0.33
N PRO C 216 -16.77 -9.23 -0.84
CA PRO C 216 -17.97 -9.40 -1.68
C PRO C 216 -18.00 -10.78 -2.30
N LYS C 217 -19.20 -11.34 -2.41
CA LYS C 217 -19.41 -12.66 -2.98
C LYS C 217 -20.35 -12.62 -4.19
N THR C 218 -20.57 -11.45 -4.76
CA THR C 218 -21.44 -11.29 -5.91
C THR C 218 -20.70 -10.52 -7.01
N ILE C 219 -21.11 -10.76 -8.26
CA ILE C 219 -20.47 -10.09 -9.39
C ILE C 219 -20.67 -8.59 -9.29
N ALA C 220 -21.87 -8.15 -8.91
CA ALA C 220 -22.12 -6.72 -8.75
C ALA C 220 -21.28 -6.14 -7.63
N GLY C 221 -21.15 -6.87 -6.51
CA GLY C 221 -20.36 -6.37 -5.40
C GLY C 221 -18.86 -6.42 -5.62
N LYS C 222 -18.39 -7.30 -6.49
CA LYS C 222 -16.96 -7.37 -6.78
C LYS C 222 -16.51 -6.22 -7.68
N ILE C 223 -17.37 -5.81 -8.62
CA ILE C 223 -17.02 -4.70 -9.50
C ILE C 223 -16.87 -3.41 -8.71
N PHE C 224 -17.82 -3.15 -7.81
CA PHE C 224 -17.75 -1.97 -6.95
C PHE C 224 -16.84 -2.17 -5.74
N GLY C 225 -16.45 -3.41 -5.43
CA GLY C 225 -15.46 -3.66 -4.41
C GLY C 225 -14.03 -3.45 -4.86
N SER C 226 -13.80 -3.38 -6.16
CA SER C 226 -12.49 -3.08 -6.71
C SER C 226 -12.32 -1.61 -7.09
N ILE C 227 -13.40 -0.96 -7.54
CA ILE C 227 -13.35 0.48 -7.76
C ILE C 227 -13.13 1.21 -6.44
N CYS C 228 -13.67 0.67 -5.34
CA CYS C 228 -13.45 1.26 -4.03
C CYS C 228 -11.97 1.27 -3.67
N SER C 229 -11.26 0.19 -3.98
CA SER C 229 -9.84 0.13 -3.70
C SER C 229 -9.07 1.17 -4.50
N LEU C 230 -9.39 1.32 -5.78
CA LEU C 230 -8.74 2.34 -6.60
C LEU C 230 -9.11 3.74 -6.13
N SER C 231 -10.39 3.95 -5.80
CA SER C 231 -10.81 5.27 -5.30
C SER C 231 -10.19 5.58 -3.96
N GLY C 232 -9.85 4.56 -3.17
CA GLY C 232 -9.16 4.79 -1.91
C GLY C 232 -7.78 5.38 -2.11
N VAL C 233 -7.05 4.87 -3.11
CA VAL C 233 -5.73 5.43 -3.42
C VAL C 233 -5.86 6.88 -3.87
N LEU C 234 -6.84 7.16 -4.74
CA LEU C 234 -7.00 8.51 -5.26
C LEU C 234 -7.34 9.50 -4.15
N VAL C 235 -8.26 9.14 -3.26
CA VAL C 235 -8.71 10.06 -2.22
C VAL C 235 -7.61 10.27 -1.18
N ILE C 236 -6.98 9.18 -0.74
CA ILE C 236 -6.01 9.28 0.35
C ILE C 236 -4.73 9.97 -0.11
N ALA C 237 -4.31 9.74 -1.35
CA ALA C 237 -3.01 10.24 -1.82
C ALA C 237 -3.04 11.70 -2.22
N LEU C 238 -4.16 12.41 -2.07
CA LEU C 238 -4.18 13.83 -2.38
C LEU C 238 -3.54 14.65 -1.25
N PRO C 239 -3.92 14.45 0.02
CA PRO C 239 -3.28 15.23 1.09
C PRO C 239 -1.99 14.65 1.62
N VAL C 240 -1.56 13.47 1.17
CA VAL C 240 -0.28 12.92 1.62
C VAL C 240 0.90 13.78 1.21
N PRO C 241 1.04 14.21 -0.06
CA PRO C 241 2.19 15.05 -0.40
C PRO C 241 2.25 16.37 0.35
N VAL C 242 1.10 17.02 0.58
CA VAL C 242 1.12 18.32 1.23
C VAL C 242 1.55 18.19 2.68
N ILE C 243 1.15 17.09 3.35
CA ILE C 243 1.64 16.84 4.70
C ILE C 243 3.13 16.61 4.70
N VAL C 244 3.62 15.80 3.75
CA VAL C 244 5.05 15.49 3.68
C VAL C 244 5.83 16.72 3.23
N SER C 245 5.33 17.44 2.23
CA SER C 245 6.04 18.62 1.73
C SER C 245 6.15 19.69 2.80
N ASN C 246 5.09 19.90 3.58
CA ASN C 246 5.16 20.84 4.68
C ASN C 246 6.15 20.37 5.74
N PHE C 247 6.18 19.05 6.01
CA PHE C 247 7.12 18.52 6.99
C PHE C 247 8.57 18.75 6.55
N SER C 248 8.86 18.49 5.28
CA SER C 248 10.21 18.74 4.78
C SER C 248 10.54 20.23 4.78
N ARG C 249 9.58 21.07 4.39
CA ARG C 249 9.82 22.50 4.33
C ARG C 249 10.07 23.09 5.72
N ILE C 250 9.23 22.73 6.69
CA ILE C 250 9.38 23.26 8.04
C ILE C 250 10.66 22.74 8.68
N TYR C 251 10.95 21.44 8.51
CA TYR C 251 12.17 20.89 9.07
C TYR C 251 13.41 21.52 8.45
N HIS C 252 13.39 21.72 7.13
CA HIS C 252 14.54 22.32 6.45
C HIS C 252 14.71 23.77 6.87
N GLN C 253 13.62 24.52 7.00
CA GLN C 253 13.71 25.93 7.39
C GLN C 253 14.15 26.09 8.83
N ASN C 254 14.02 25.05 9.66
CA ASN C 254 14.52 25.13 11.03
C ASN C 254 16.05 25.07 11.07
N GLN C 255 16.67 24.50 10.05
CA GLN C 255 18.12 24.38 9.99
C GLN C 255 18.75 25.67 9.47
N PRO D 1 -28.59 46.45 -8.08
CA PRO D 1 -29.88 45.81 -8.37
C PRO D 1 -30.90 46.77 -8.99
N THR D 2 -30.58 47.29 -10.18
CA THR D 2 -31.47 48.20 -10.88
C THR D 2 -32.63 47.49 -11.55
N MET D 3 -32.63 46.15 -11.57
CA MET D 3 -33.68 45.37 -12.22
C MET D 3 -34.30 44.39 -11.25
N THR D 4 -35.11 43.45 -11.76
CA THR D 4 -35.95 42.60 -10.92
C THR D 4 -35.14 41.70 -10.00
N ALA D 5 -35.84 40.93 -9.15
CA ALA D 5 -35.21 40.17 -8.08
C ALA D 5 -34.33 39.04 -8.58
N ARG D 6 -34.40 38.70 -9.87
CA ARG D 6 -33.68 37.53 -10.37
C ARG D 6 -32.18 37.64 -10.10
N GLN D 7 -31.57 38.76 -10.50
CA GLN D 7 -30.11 38.88 -10.35
C GLN D 7 -29.72 39.11 -8.90
N ARG D 8 -30.53 39.85 -8.14
CA ARG D 8 -30.19 40.12 -6.76
C ARG D 8 -30.41 38.90 -5.86
N VAL D 9 -31.08 37.86 -6.34
CA VAL D 9 -31.18 36.62 -5.57
C VAL D 9 -30.18 35.61 -6.14
N TRP D 10 -29.83 35.76 -7.42
CA TRP D 10 -28.79 34.91 -8.00
C TRP D 10 -27.42 35.24 -7.41
N ARG D 11 -27.15 36.52 -7.15
CA ARG D 11 -25.90 36.88 -6.50
C ARG D 11 -25.81 36.29 -5.11
N ALA D 12 -26.94 36.10 -4.44
CA ALA D 12 -26.95 35.40 -3.16
C ALA D 12 -26.75 33.90 -3.35
N PHE D 13 -27.36 33.34 -4.40
CA PHE D 13 -27.18 31.92 -4.67
C PHE D 13 -25.76 31.61 -5.10
N GLU D 14 -25.21 32.39 -6.03
CA GLU D 14 -23.85 32.15 -6.50
C GLU D 14 -22.82 32.40 -5.40
N ASN D 15 -23.03 33.45 -4.60
CA ASN D 15 -22.12 33.80 -3.50
C ASN D 15 -22.87 33.64 -2.19
N PRO D 16 -22.70 32.51 -1.49
CA PRO D 16 -23.42 32.30 -0.24
C PRO D 16 -22.77 32.95 0.97
N HIS D 17 -21.53 33.45 0.84
CA HIS D 17 -20.86 34.10 1.95
C HIS D 17 -21.20 35.58 2.07
N THR D 18 -21.94 36.14 1.12
CA THR D 18 -22.37 37.52 1.17
C THR D 18 -23.77 37.62 1.76
N SER D 19 -24.12 38.83 2.19
CA SER D 19 -25.42 39.11 2.80
C SER D 19 -25.65 38.22 4.02
N THR D 20 -26.92 38.03 4.40
CA THR D 20 -27.25 37.17 5.52
C THR D 20 -28.25 36.10 5.12
N MET D 21 -29.10 36.40 4.14
CA MET D 21 -30.05 35.40 3.65
C MET D 21 -29.35 34.29 2.90
N ALA D 22 -28.31 34.63 2.14
CA ALA D 22 -27.56 33.61 1.40
C ALA D 22 -26.89 32.62 2.33
N LEU D 23 -26.32 33.12 3.43
CA LEU D 23 -25.66 32.23 4.39
C LEU D 23 -26.68 31.30 5.04
N VAL D 24 -27.85 31.82 5.38
CA VAL D 24 -28.90 30.98 5.99
C VAL D 24 -29.35 29.92 4.99
N PHE D 25 -29.55 30.30 3.73
CA PHE D 25 -29.94 29.33 2.71
C PHE D 25 -28.88 28.24 2.53
N TYR D 26 -27.61 28.65 2.49
CA TYR D 26 -26.52 27.69 2.34
C TYR D 26 -26.49 26.72 3.51
N TYR D 27 -26.58 27.23 4.74
CA TYR D 27 -26.56 26.37 5.91
C TYR D 27 -27.75 25.43 5.94
N VAL D 28 -28.95 25.92 5.62
CA VAL D 28 -30.12 25.06 5.70
C VAL D 28 -30.09 23.98 4.63
N THR D 29 -29.61 24.32 3.42
CA THR D 29 -29.47 23.30 2.39
C THR D 29 -28.45 22.24 2.79
N GLY D 30 -27.31 22.66 3.33
CA GLY D 30 -26.32 21.69 3.79
C GLY D 30 -26.86 20.80 4.90
N PHE D 31 -27.57 21.40 5.86
CA PHE D 31 -28.13 20.63 6.96
C PHE D 31 -29.17 19.64 6.46
N PHE D 32 -30.01 20.04 5.50
CA PHE D 32 -31.01 19.12 4.97
C PHE D 32 -30.36 17.97 4.21
N ILE D 33 -29.33 18.25 3.41
CA ILE D 33 -28.63 17.18 2.72
C ILE D 33 -28.02 16.20 3.72
N ALA D 34 -27.35 16.74 4.74
CA ALA D 34 -26.71 15.89 5.73
C ALA D 34 -27.73 15.05 6.48
N VAL D 35 -28.86 15.65 6.89
CA VAL D 35 -29.86 14.90 7.64
C VAL D 35 -30.51 13.85 6.76
N SER D 36 -30.70 14.13 5.47
CA SER D 36 -31.28 13.13 4.57
C SER D 36 -30.35 11.93 4.42
N VAL D 37 -29.05 12.17 4.21
CA VAL D 37 -28.14 11.05 4.01
C VAL D 37 -27.95 10.28 5.32
N ILE D 38 -27.94 10.98 6.46
CA ILE D 38 -27.85 10.29 7.74
C ILE D 38 -29.11 9.47 8.00
N ALA D 39 -30.27 9.98 7.60
CA ALA D 39 -31.51 9.22 7.74
C ALA D 39 -31.47 7.96 6.88
N ASN D 40 -30.94 8.06 5.66
CA ASN D 40 -30.80 6.88 4.82
C ASN D 40 -29.87 5.85 5.48
N VAL D 41 -28.74 6.32 6.00
CA VAL D 41 -27.80 5.42 6.65
C VAL D 41 -28.44 4.74 7.87
N VAL D 42 -29.22 5.50 8.64
CA VAL D 42 -29.85 4.96 9.83
C VAL D 42 -30.94 3.96 9.47
N GLU D 43 -31.76 4.27 8.47
CA GLU D 43 -32.82 3.35 8.09
C GLU D 43 -32.27 2.09 7.44
N THR D 44 -31.06 2.14 6.87
CA THR D 44 -30.45 0.91 6.40
C THR D 44 -30.08 -0.01 7.56
N VAL D 45 -29.74 0.55 8.71
CA VAL D 45 -29.45 -0.24 9.90
C VAL D 45 -30.64 -0.20 10.86
N HIS D 53 -38.70 -11.28 20.00
CA HIS D 53 -39.18 -10.68 18.76
C HIS D 53 -39.18 -11.70 17.63
N ILE D 54 -39.96 -11.42 16.58
CA ILE D 54 -40.04 -12.33 15.46
C ILE D 54 -38.72 -12.39 14.69
N LYS D 55 -38.05 -11.24 14.56
CA LYS D 55 -36.78 -11.17 13.85
C LYS D 55 -36.12 -9.83 14.18
N GLU D 56 -34.84 -9.73 13.83
CA GLU D 56 -34.09 -8.48 13.99
C GLU D 56 -34.52 -7.53 12.87
N LEU D 57 -35.67 -6.90 13.08
CA LEU D 57 -36.23 -6.03 12.06
C LEU D 57 -35.44 -4.73 11.99
N PRO D 58 -34.97 -4.32 10.81
CA PRO D 58 -34.25 -3.05 10.69
C PRO D 58 -35.15 -1.85 10.98
N CYS D 59 -34.57 -0.66 10.95
CA CYS D 59 -35.29 0.57 11.27
C CYS D 59 -36.11 1.10 10.09
N GLY D 60 -36.42 0.26 9.11
CA GLY D 60 -37.17 0.70 7.95
C GLY D 60 -38.44 -0.10 7.67
N GLU D 61 -38.84 -0.96 8.60
CA GLU D 61 -40.09 -1.71 8.47
C GLU D 61 -41.10 -1.35 9.55
N ARG D 62 -40.75 -1.49 10.82
CA ARG D 62 -41.61 -0.96 11.88
C ARG D 62 -41.68 0.55 11.82
N TYR D 63 -40.52 1.19 11.64
CA TYR D 63 -40.41 2.60 11.29
C TYR D 63 -40.60 2.76 9.79
N ALA D 64 -40.15 3.90 9.26
CA ALA D 64 -40.23 4.27 7.85
C ALA D 64 -41.63 4.72 7.47
N VAL D 65 -42.35 5.28 8.44
CA VAL D 65 -43.45 6.19 8.14
C VAL D 65 -42.87 7.59 8.18
N ALA D 66 -42.36 7.98 9.35
CA ALA D 66 -41.66 9.26 9.48
C ALA D 66 -40.45 9.30 8.56
N PHE D 67 -39.67 8.20 8.52
CA PHE D 67 -38.53 8.13 7.62
C PHE D 67 -38.96 8.35 6.17
N PHE D 68 -40.22 8.07 5.85
CA PHE D 68 -40.75 8.48 4.55
C PHE D 68 -40.96 9.99 4.52
N CYS D 69 -41.81 10.50 5.42
CA CYS D 69 -42.17 11.91 5.40
C CYS D 69 -40.93 12.79 5.50
N LEU D 70 -40.10 12.55 6.52
CA LEU D 70 -38.82 13.25 6.64
C LEU D 70 -38.12 13.28 5.30
N ASP D 71 -37.94 12.11 4.68
CA ASP D 71 -37.25 12.04 3.40
C ASP D 71 -37.88 12.97 2.39
N THR D 72 -39.21 12.85 2.20
CA THR D 72 -39.84 13.68 1.17
C THR D 72 -39.70 15.15 1.52
N ALA D 73 -39.73 15.48 2.82
CA ALA D 73 -39.51 16.87 3.22
C ALA D 73 -38.20 17.37 2.64
N CYS D 74 -37.12 16.62 2.87
CA CYS D 74 -35.84 16.99 2.29
C CYS D 74 -35.97 17.13 0.78
N VAL D 75 -36.56 16.10 0.14
CA VAL D 75 -36.74 16.14 -1.30
C VAL D 75 -37.51 17.40 -1.69
N MET D 76 -38.59 17.68 -0.97
CA MET D 76 -39.39 18.87 -1.26
C MET D 76 -38.50 20.10 -1.28
N ILE D 77 -37.69 20.27 -0.22
CA ILE D 77 -36.81 21.43 -0.17
C ILE D 77 -35.93 21.48 -1.41
N PHE D 78 -35.31 20.35 -1.75
CA PHE D 78 -34.46 20.32 -2.93
C PHE D 78 -35.25 20.84 -4.13
N THR D 79 -36.43 20.28 -4.36
CA THR D 79 -37.22 20.68 -5.51
C THR D 79 -37.43 22.19 -5.50
N VAL D 80 -37.88 22.74 -4.38
CA VAL D 80 -38.22 24.16 -4.39
C VAL D 80 -36.96 24.98 -4.61
N GLU D 81 -35.84 24.58 -4.01
CA GLU D 81 -34.63 25.38 -4.21
C GLU D 81 -34.16 25.26 -5.65
N TYR D 82 -34.34 24.08 -6.26
CA TYR D 82 -34.06 23.96 -7.69
C TYR D 82 -34.95 24.93 -8.47
N LEU D 83 -36.23 25.01 -8.09
CA LEU D 83 -37.11 25.96 -8.74
C LEU D 83 -36.61 27.38 -8.53
N LEU D 84 -36.07 27.67 -7.35
CA LEU D 84 -35.48 28.99 -7.11
C LEU D 84 -34.29 29.20 -8.05
N ARG D 85 -33.49 28.16 -8.26
CA ARG D 85 -32.38 28.28 -9.20
C ARG D 85 -32.86 28.38 -10.64
N LEU D 86 -34.13 28.03 -10.90
CA LEU D 86 -34.73 28.28 -12.20
C LEU D 86 -35.38 29.64 -12.30
N ALA D 87 -35.49 30.38 -11.20
CA ALA D 87 -36.07 31.71 -11.20
C ALA D 87 -35.02 32.81 -11.14
N ALA D 88 -33.73 32.47 -11.25
CA ALA D 88 -32.68 33.48 -11.15
C ALA D 88 -31.55 33.24 -12.15
N ALA D 89 -31.76 32.40 -13.15
CA ALA D 89 -30.70 32.06 -14.09
C ALA D 89 -30.90 32.81 -15.39
N PRO D 90 -30.03 33.78 -15.72
CA PRO D 90 -30.10 34.38 -17.07
C PRO D 90 -29.86 33.36 -18.17
N SER D 91 -29.07 32.33 -17.89
CA SER D 91 -28.77 31.24 -18.83
C SER D 91 -29.57 29.99 -18.49
N ARG D 92 -30.85 30.18 -18.13
CA ARG D 92 -31.71 29.09 -17.64
C ARG D 92 -31.52 27.77 -18.36
N TYR D 93 -31.56 27.78 -19.70
CA TYR D 93 -31.32 26.55 -20.45
C TYR D 93 -29.87 26.09 -20.30
N ARG D 94 -28.91 27.02 -20.42
CA ARG D 94 -27.51 26.67 -20.23
C ARG D 94 -27.26 26.25 -18.78
N PHE D 95 -27.93 26.91 -17.83
CA PHE D 95 -27.80 26.50 -16.43
C PHE D 95 -28.30 25.09 -16.21
N VAL D 96 -29.42 24.73 -16.86
CA VAL D 96 -29.91 23.36 -16.80
C VAL D 96 -28.89 22.41 -17.41
N ARG D 97 -28.26 22.82 -18.50
CA ARG D 97 -27.22 22.00 -19.12
C ARG D 97 -25.96 21.89 -18.28
N SER D 98 -25.83 22.70 -17.23
CA SER D 98 -24.64 22.66 -16.39
C SER D 98 -24.61 21.37 -15.56
N VAL D 99 -23.41 21.04 -15.09
CA VAL D 99 -23.21 19.78 -14.37
C VAL D 99 -23.93 19.82 -13.01
N MET D 100 -23.94 20.99 -12.35
CA MET D 100 -24.59 21.08 -11.05
C MET D 100 -26.09 20.82 -11.16
N SER D 101 -26.73 21.38 -12.18
CA SER D 101 -28.15 21.13 -12.39
C SER D 101 -28.41 19.66 -12.68
N ILE D 102 -27.52 19.01 -13.45
CA ILE D 102 -27.66 17.59 -13.72
C ILE D 102 -27.56 16.80 -12.42
N ILE D 103 -26.62 17.16 -11.55
CA ILE D 103 -26.49 16.47 -10.26
C ILE D 103 -27.74 16.67 -9.42
N ASP D 104 -28.28 17.88 -9.41
CA ASP D 104 -29.51 18.13 -8.65
C ASP D 104 -30.67 17.30 -9.17
N VAL D 105 -30.83 17.24 -10.49
CA VAL D 105 -31.91 16.46 -11.09
C VAL D 105 -31.73 14.97 -10.78
N VAL D 106 -30.49 14.48 -10.86
CA VAL D 106 -30.22 13.08 -10.54
C VAL D 106 -30.53 12.80 -9.06
N ALA D 107 -30.29 13.78 -8.20
CA ALA D 107 -30.59 13.60 -6.78
C ALA D 107 -32.10 13.59 -6.53
N ILE D 108 -32.85 14.44 -7.23
CA ILE D 108 -34.27 14.60 -6.93
C ILE D 108 -35.17 13.62 -7.67
N LEU D 109 -34.74 13.08 -8.81
CA LEU D 109 -35.61 12.21 -9.59
C LEU D 109 -36.02 10.92 -8.88
N PRO D 110 -35.11 10.19 -8.20
CA PRO D 110 -35.51 8.89 -7.62
C PRO D 110 -36.81 8.90 -6.83
N TYR D 111 -37.07 9.94 -6.04
CA TYR D 111 -38.28 9.96 -5.23
C TYR D 111 -39.53 9.97 -6.10
N TYR D 112 -39.56 10.86 -7.11
CA TYR D 112 -40.72 10.94 -7.98
C TYR D 112 -40.86 9.69 -8.85
N ILE D 113 -39.72 9.14 -9.29
CA ILE D 113 -39.76 7.90 -10.07
C ILE D 113 -40.35 6.78 -9.24
N GLY D 114 -39.93 6.67 -7.98
CA GLY D 114 -40.50 5.66 -7.10
C GLY D 114 -41.97 5.87 -6.83
N LEU D 115 -42.39 7.14 -6.68
CA LEU D 115 -43.81 7.43 -6.50
C LEU D 115 -44.62 6.98 -7.72
N VAL D 116 -44.12 7.27 -8.93
CA VAL D 116 -44.81 6.85 -10.13
C VAL D 116 -44.86 5.32 -10.22
N MET D 117 -43.75 4.66 -9.88
CA MET D 117 -43.70 3.20 -9.95
C MET D 117 -44.67 2.57 -8.97
N THR D 118 -44.75 3.10 -7.75
CA THR D 118 -45.64 2.54 -6.75
C THR D 118 -47.09 2.96 -6.91
N ASP D 119 -47.36 3.97 -7.73
CA ASP D 119 -48.74 4.35 -8.02
C ASP D 119 -49.48 3.21 -8.72
N ASN D 120 -48.84 2.56 -9.68
CA ASN D 120 -49.41 1.43 -10.41
C ASN D 120 -48.47 0.24 -10.26
N GLU D 121 -48.96 -0.81 -9.60
CA GLU D 121 -48.19 -2.03 -9.33
C GLU D 121 -46.92 -1.74 -8.52
N ASP D 122 -46.11 -2.76 -8.30
CA ASP D 122 -44.89 -2.62 -7.53
C ASP D 122 -43.96 -3.78 -7.84
N VAL D 123 -42.68 -3.47 -8.10
CA VAL D 123 -41.68 -4.49 -8.37
C VAL D 123 -40.44 -4.19 -7.53
N SER D 124 -39.68 -5.25 -7.26
CA SER D 124 -38.46 -5.14 -6.46
C SER D 124 -37.21 -4.96 -7.32
N GLY D 125 -37.33 -5.00 -8.65
CA GLY D 125 -36.17 -4.82 -9.50
C GLY D 125 -35.58 -3.43 -9.41
N ALA D 126 -36.42 -2.41 -9.43
CA ALA D 126 -35.98 -1.02 -9.35
C ALA D 126 -35.95 -0.48 -7.93
N PHE D 127 -36.39 -1.27 -6.95
CA PHE D 127 -36.39 -0.81 -5.56
C PHE D 127 -34.97 -0.56 -5.07
N VAL D 128 -34.12 -1.58 -5.12
CA VAL D 128 -32.74 -1.41 -4.69
C VAL D 128 -31.99 -0.46 -5.60
N THR D 129 -32.34 -0.43 -6.90
CA THR D 129 -31.68 0.49 -7.82
C THR D 129 -31.99 1.94 -7.45
N LEU D 130 -33.26 2.23 -7.17
CA LEU D 130 -33.63 3.59 -6.76
C LEU D 130 -33.01 3.94 -5.41
N ARG D 131 -32.97 2.99 -4.48
CA ARG D 131 -32.34 3.26 -3.19
C ARG D 131 -30.85 3.53 -3.34
N VAL D 132 -30.20 2.86 -4.31
CA VAL D 132 -28.80 3.12 -4.57
C VAL D 132 -28.61 4.51 -5.19
N PHE D 133 -29.47 4.85 -6.16
CA PHE D 133 -29.39 6.19 -6.75
C PHE D 133 -29.72 7.29 -5.74
N ARG D 134 -30.44 6.96 -4.67
CA ARG D 134 -30.81 7.98 -3.68
C ARG D 134 -29.61 8.57 -2.96
N VAL D 135 -28.48 7.85 -2.87
CA VAL D 135 -27.33 8.36 -2.15
C VAL D 135 -26.57 9.39 -2.96
N PHE D 136 -26.91 9.57 -4.24
CA PHE D 136 -26.22 10.53 -5.10
C PHE D 136 -26.51 11.98 -4.72
N ARG D 137 -27.22 12.24 -3.62
CA ARG D 137 -27.35 13.58 -3.08
C ARG D 137 -26.14 13.97 -2.24
N ILE D 138 -25.20 13.06 -2.03
CA ILE D 138 -23.90 13.43 -1.45
C ILE D 138 -23.19 14.43 -2.35
N PHE D 139 -23.28 14.22 -3.67
CA PHE D 139 -22.60 15.08 -4.63
C PHE D 139 -23.15 16.50 -4.65
N LYS D 140 -24.30 16.75 -4.02
CA LYS D 140 -24.80 18.12 -3.89
C LYS D 140 -23.94 18.97 -2.96
N PHE D 141 -23.01 18.35 -2.23
CA PHE D 141 -22.05 19.10 -1.41
C PHE D 141 -20.97 19.78 -2.24
N SER D 142 -20.98 19.59 -3.56
CA SER D 142 -19.98 20.25 -4.41
C SER D 142 -20.10 21.76 -4.33
N ARG D 143 -21.33 22.28 -4.24
CA ARG D 143 -21.50 23.72 -4.06
C ARG D 143 -20.92 24.18 -2.74
N HIS D 144 -21.09 23.39 -1.68
CA HIS D 144 -20.66 23.81 -0.35
C HIS D 144 -19.15 23.73 -0.21
N SER D 145 -18.52 22.70 -0.76
CA SER D 145 -17.11 22.45 -0.57
C SER D 145 -16.34 22.78 -1.84
N GLN D 146 -15.31 23.61 -1.72
CA GLN D 146 -14.46 23.92 -2.86
C GLN D 146 -13.59 22.72 -3.25
N GLY D 147 -13.25 21.87 -2.28
CA GLY D 147 -12.38 20.74 -2.56
C GLY D 147 -12.97 19.78 -3.58
N LEU D 148 -14.28 19.54 -3.50
CA LEU D 148 -14.93 18.67 -4.49
C LEU D 148 -14.87 19.28 -5.89
N ARG D 149 -15.08 20.60 -5.98
CA ARG D 149 -14.98 21.26 -7.28
C ARG D 149 -13.56 21.17 -7.84
N ILE D 150 -12.55 21.34 -6.98
CA ILE D 150 -11.17 21.21 -7.44
C ILE D 150 -10.89 19.79 -7.90
N LEU D 151 -11.38 18.79 -7.15
CA LEU D 151 -11.18 17.41 -7.54
C LEU D 151 -11.83 17.11 -8.88
N GLY D 152 -13.06 17.61 -9.09
CA GLY D 152 -13.71 17.43 -10.37
C GLY D 152 -12.97 18.10 -11.51
N TYR D 153 -12.45 19.32 -11.27
CA TYR D 153 -11.68 20.01 -12.29
C TYR D 153 -10.42 19.22 -12.64
N THR D 154 -9.73 18.68 -11.64
CA THR D 154 -8.53 17.90 -11.91
C THR D 154 -8.86 16.61 -12.66
N LEU D 155 -9.95 15.94 -12.28
CA LEU D 155 -10.34 14.72 -12.99
C LEU D 155 -10.72 15.02 -14.43
N LYS D 156 -11.33 16.17 -14.69
CA LYS D 156 -11.65 16.55 -16.06
C LYS D 156 -10.40 16.92 -16.84
N SER D 157 -9.43 17.56 -16.18
CA SER D 157 -8.24 18.03 -16.88
C SER D 157 -7.39 16.87 -17.37
N CYS D 158 -7.10 15.91 -16.50
CA CYS D 158 -6.27 14.76 -16.87
C CYS D 158 -7.15 13.58 -17.28
N ALA D 159 -8.01 13.83 -18.27
CA ALA D 159 -8.89 12.78 -18.77
C ALA D 159 -8.12 11.72 -19.56
N SER D 160 -7.08 12.14 -20.28
CA SER D 160 -6.28 11.18 -21.03
C SER D 160 -5.51 10.25 -20.10
N GLU D 161 -5.00 10.80 -18.99
CA GLU D 161 -4.24 9.98 -18.03
C GLU D 161 -5.13 8.92 -17.39
N LEU D 162 -6.37 9.28 -17.05
CA LEU D 162 -7.29 8.27 -16.54
C LEU D 162 -7.65 7.24 -17.60
N GLY D 163 -7.77 7.68 -18.86
CA GLY D 163 -8.02 6.73 -19.94
C GLY D 163 -6.90 5.72 -20.10
N PHE D 164 -5.65 6.20 -20.08
CA PHE D 164 -4.51 5.29 -20.15
C PHE D 164 -4.43 4.41 -18.91
N LEU D 165 -4.76 4.96 -17.74
CA LEU D 165 -4.83 4.15 -16.52
C LEU D 165 -5.79 2.99 -16.71
N LEU D 166 -7.00 3.28 -17.18
CA LEU D 166 -8.01 2.23 -17.38
C LEU D 166 -7.54 1.22 -18.42
N PHE D 167 -6.97 1.69 -19.52
CA PHE D 167 -6.56 0.77 -20.59
C PHE D 167 -5.44 -0.15 -20.12
N SER D 168 -4.39 0.41 -19.50
CA SER D 168 -3.28 -0.40 -19.04
C SER D 168 -3.72 -1.33 -17.91
N LEU D 169 -4.60 -0.86 -17.02
CA LEU D 169 -5.10 -1.71 -15.95
C LEU D 169 -5.87 -2.90 -16.52
N THR D 170 -6.73 -2.65 -17.50
CA THR D 170 -7.48 -3.76 -18.11
C THR D 170 -6.54 -4.71 -18.83
N MET D 171 -5.53 -4.19 -19.52
CA MET D 171 -4.57 -5.03 -20.23
C MET D 171 -3.83 -5.95 -19.26
N ALA D 172 -3.28 -5.36 -18.19
CA ALA D 172 -2.54 -6.15 -17.21
C ALA D 172 -3.45 -7.13 -16.49
N ILE D 173 -4.68 -6.72 -16.18
CA ILE D 173 -5.63 -7.61 -15.52
C ILE D 173 -5.90 -8.82 -16.40
N ILE D 174 -6.15 -8.60 -17.69
CA ILE D 174 -6.42 -9.70 -18.60
C ILE D 174 -5.22 -10.64 -18.67
N ILE D 175 -4.02 -10.07 -18.84
CA ILE D 175 -2.83 -10.91 -19.00
C ILE D 175 -2.59 -11.75 -17.75
N PHE D 176 -2.59 -11.10 -16.59
CA PHE D 176 -2.28 -11.83 -15.36
C PHE D 176 -3.39 -12.78 -14.97
N ALA D 177 -4.65 -12.45 -15.25
CA ALA D 177 -5.73 -13.37 -14.98
C ALA D 177 -5.63 -14.61 -15.86
N THR D 178 -5.29 -14.44 -17.14
CA THR D 178 -5.10 -15.60 -18.00
C THR D 178 -3.95 -16.46 -17.49
N VAL D 179 -2.83 -15.85 -17.13
CA VAL D 179 -1.67 -16.60 -16.66
C VAL D 179 -2.01 -17.36 -15.38
N MET D 180 -2.68 -16.70 -14.43
CA MET D 180 -3.01 -17.36 -13.17
C MET D 180 -4.04 -18.46 -13.36
N PHE D 181 -5.04 -18.23 -14.22
CA PHE D 181 -6.04 -19.26 -14.46
C PHE D 181 -5.43 -20.49 -15.08
N TYR D 182 -4.56 -20.31 -16.07
CA TYR D 182 -3.93 -21.47 -16.70
C TYR D 182 -2.81 -22.07 -15.86
N ALA D 183 -2.31 -21.36 -14.85
CA ALA D 183 -1.31 -21.90 -13.95
C ALA D 183 -1.92 -22.49 -12.68
N GLU D 184 -3.15 -22.11 -12.33
CA GLU D 184 -3.81 -22.55 -11.10
C GLU D 184 -5.18 -23.14 -11.43
N LYS D 185 -5.21 -24.05 -12.41
CA LYS D 185 -6.44 -24.70 -12.83
C LYS D 185 -6.58 -26.12 -12.32
N GLY D 186 -5.46 -26.83 -12.15
CA GLY D 186 -5.50 -28.22 -11.78
C GLY D 186 -5.34 -28.48 -10.29
N SER D 187 -5.55 -27.46 -9.47
CA SER D 187 -5.45 -27.63 -8.03
C SER D 187 -6.60 -28.48 -7.51
N SER D 188 -6.45 -28.97 -6.27
CA SER D 188 -7.46 -29.81 -5.66
C SER D 188 -8.77 -29.05 -5.49
N ALA D 189 -8.76 -27.98 -4.70
CA ALA D 189 -9.92 -27.13 -4.49
C ALA D 189 -9.51 -25.72 -4.89
N SER D 190 -9.64 -25.41 -6.18
CA SER D 190 -9.20 -24.13 -6.73
C SER D 190 -10.40 -23.25 -7.02
N LYS D 191 -10.29 -21.97 -6.65
CA LYS D 191 -11.30 -20.98 -6.98
C LYS D 191 -11.03 -20.26 -8.29
N PHE D 192 -9.97 -20.65 -8.99
CA PHE D 192 -9.67 -20.09 -10.31
C PHE D 192 -10.36 -20.90 -11.40
N THR D 193 -11.69 -20.87 -11.36
CA THR D 193 -12.48 -21.65 -12.31
C THR D 193 -12.44 -21.07 -13.72
N SER D 194 -12.15 -19.78 -13.86
CA SER D 194 -12.14 -19.14 -15.16
C SER D 194 -11.37 -17.83 -15.07
N ILE D 195 -11.03 -17.28 -16.24
CA ILE D 195 -10.39 -15.97 -16.28
C ILE D 195 -11.26 -14.88 -15.67
N PRO D 196 -12.56 -14.79 -15.96
CA PRO D 196 -13.40 -13.83 -15.22
C PRO D 196 -13.40 -14.06 -13.72
N ALA D 197 -13.27 -15.32 -13.28
CA ALA D 197 -13.14 -15.60 -11.86
C ALA D 197 -11.76 -15.23 -11.33
N ALA D 198 -10.78 -15.09 -12.21
CA ALA D 198 -9.44 -14.64 -11.81
C ALA D 198 -9.29 -13.12 -11.89
N PHE D 199 -10.27 -12.42 -12.46
CA PHE D 199 -10.23 -10.96 -12.47
C PHE D 199 -10.25 -10.41 -11.05
N TRP D 200 -11.05 -11.02 -10.17
CA TRP D 200 -11.12 -10.58 -8.78
C TRP D 200 -9.77 -10.72 -8.10
N TYR D 201 -9.13 -11.89 -8.25
CA TYR D 201 -7.82 -12.09 -7.65
C TYR D 201 -6.79 -11.13 -8.23
N THR D 202 -6.83 -10.91 -9.54
CA THR D 202 -5.85 -10.03 -10.16
C THR D 202 -6.00 -8.60 -9.68
N ILE D 203 -7.25 -8.11 -9.56
CA ILE D 203 -7.44 -6.74 -9.13
C ILE D 203 -7.16 -6.58 -7.63
N VAL D 204 -7.37 -7.65 -6.85
CA VAL D 204 -7.01 -7.58 -5.43
C VAL D 204 -5.50 -7.56 -5.27
N THR D 205 -4.78 -8.36 -6.06
CA THR D 205 -3.33 -8.44 -5.92
C THR D 205 -2.63 -7.20 -6.47
N MET D 206 -3.10 -6.68 -7.61
CA MET D 206 -2.44 -5.54 -8.24
C MET D 206 -2.51 -4.31 -7.35
N THR D 207 -3.64 -4.07 -6.72
CA THR D 207 -3.79 -2.90 -5.85
C THR D 207 -3.11 -3.07 -4.50
N THR D 208 -2.33 -4.13 -4.31
CA THR D 208 -1.66 -4.43 -3.04
C THR D 208 -2.68 -4.44 -1.90
N LEU D 209 -3.83 -5.04 -2.15
CA LEU D 209 -4.88 -5.10 -1.14
C LEU D 209 -4.80 -6.39 -0.32
N GLY D 210 -4.99 -7.53 -0.98
CA GLY D 210 -4.85 -8.81 -0.30
C GLY D 210 -6.10 -9.19 0.45
N TYR D 211 -6.63 -10.38 0.20
CA TYR D 211 -7.81 -10.84 0.93
C TYR D 211 -7.59 -12.24 1.49
N GLY D 212 -6.88 -13.09 0.74
CA GLY D 212 -6.61 -14.44 1.16
C GLY D 212 -7.67 -15.45 0.80
N ASP D 213 -8.84 -15.00 0.32
CA ASP D 213 -9.86 -15.94 -0.12
C ASP D 213 -9.40 -16.69 -1.37
N MET D 214 -8.76 -15.99 -2.30
CA MET D 214 -8.24 -16.59 -3.53
C MET D 214 -6.73 -16.37 -3.53
N VAL D 215 -5.98 -17.45 -3.31
CA VAL D 215 -4.52 -17.38 -3.29
C VAL D 215 -3.97 -18.51 -4.16
N PRO D 216 -2.82 -18.33 -4.81
CA PRO D 216 -2.24 -19.42 -5.59
C PRO D 216 -1.67 -20.49 -4.69
N LYS D 217 -1.86 -21.75 -5.10
CA LYS D 217 -1.37 -22.91 -4.35
C LYS D 217 -0.38 -23.73 -5.17
N THR D 218 0.16 -23.16 -6.24
CA THR D 218 1.12 -23.85 -7.10
C THR D 218 2.36 -23.00 -7.27
N ILE D 219 3.49 -23.66 -7.51
CA ILE D 219 4.76 -22.95 -7.69
C ILE D 219 4.67 -22.03 -8.90
N ALA D 220 4.08 -22.51 -10.00
CA ALA D 220 3.92 -21.68 -11.18
C ALA D 220 3.01 -20.49 -10.90
N GLY D 221 1.92 -20.72 -10.17
CA GLY D 221 1.01 -19.63 -9.86
C GLY D 221 1.52 -18.65 -8.82
N LYS D 222 2.45 -19.08 -7.97
CA LYS D 222 3.02 -18.17 -6.98
C LYS D 222 4.03 -17.22 -7.61
N ILE D 223 4.79 -17.70 -8.60
CA ILE D 223 5.75 -16.84 -9.27
C ILE D 223 5.04 -15.71 -10.01
N PHE D 224 3.98 -16.03 -10.74
CA PHE D 224 3.20 -15.01 -11.44
C PHE D 224 2.20 -14.31 -10.53
N GLY D 225 1.94 -14.84 -9.34
CA GLY D 225 1.13 -14.15 -8.37
C GLY D 225 1.85 -13.08 -7.59
N SER D 226 3.19 -13.08 -7.65
CA SER D 226 3.99 -12.05 -7.03
C SER D 226 4.44 -10.98 -8.02
N ILE D 227 4.70 -11.37 -9.27
CA ILE D 227 4.97 -10.38 -10.32
C ILE D 227 3.73 -9.51 -10.54
N CYS D 228 2.55 -10.08 -10.39
CA CYS D 228 1.31 -9.31 -10.53
C CYS D 228 1.25 -8.20 -9.49
N SER D 229 1.67 -8.48 -8.26
CA SER D 229 1.67 -7.45 -7.21
C SER D 229 2.64 -6.33 -7.55
N LEU D 230 3.83 -6.68 -8.02
CA LEU D 230 4.80 -5.65 -8.42
C LEU D 230 4.32 -4.88 -9.64
N SER D 231 3.74 -5.58 -10.62
CA SER D 231 3.22 -4.90 -11.80
C SER D 231 2.03 -4.01 -11.45
N GLY D 232 1.30 -4.34 -10.39
CA GLY D 232 0.21 -3.47 -9.96
C GLY D 232 0.72 -2.13 -9.46
N VAL D 233 1.81 -2.13 -8.70
CA VAL D 233 2.40 -0.88 -8.24
C VAL D 233 2.87 -0.04 -9.42
N LEU D 234 3.54 -0.68 -10.39
CA LEU D 234 4.07 0.04 -11.54
C LEU D 234 2.94 0.68 -12.35
N VAL D 235 1.88 -0.09 -12.62
CA VAL D 235 0.81 0.41 -13.48
C VAL D 235 0.02 1.51 -12.76
N ILE D 236 -0.35 1.28 -11.50
CA ILE D 236 -1.20 2.23 -10.80
C ILE D 236 -0.48 3.53 -10.49
N ALA D 237 0.81 3.45 -10.13
CA ALA D 237 1.53 4.63 -9.66
C ALA D 237 1.99 5.55 -10.78
N LEU D 238 1.65 5.28 -12.05
CA LEU D 238 2.03 6.19 -13.12
C LEU D 238 1.09 7.40 -13.16
N PRO D 239 -0.24 7.23 -13.15
CA PRO D 239 -1.13 8.39 -13.16
C PRO D 239 -1.45 8.98 -11.80
N VAL D 240 -0.97 8.39 -10.71
CA VAL D 240 -1.19 8.98 -9.38
C VAL D 240 -0.52 10.34 -9.24
N PRO D 241 0.77 10.52 -9.58
CA PRO D 241 1.36 11.86 -9.44
C PRO D 241 0.68 12.94 -10.27
N VAL D 242 0.26 12.61 -11.50
CA VAL D 242 -0.33 13.64 -12.36
C VAL D 242 -1.68 14.08 -11.80
N ILE D 243 -2.44 13.17 -11.20
CA ILE D 243 -3.69 13.56 -10.54
C ILE D 243 -3.40 14.44 -9.33
N VAL D 244 -2.40 14.05 -8.54
CA VAL D 244 -2.06 14.83 -7.35
C VAL D 244 -1.43 16.17 -7.74
N SER D 245 -0.53 16.15 -8.73
CA SER D 245 0.12 17.39 -9.16
C SER D 245 -0.89 18.38 -9.71
N ASN D 246 -1.87 17.90 -10.48
CA ASN D 246 -2.93 18.79 -10.94
C ASN D 246 -3.74 19.35 -9.79
N PHE D 247 -4.01 18.52 -8.77
CA PHE D 247 -4.74 19.00 -7.60
C PHE D 247 -3.95 20.07 -6.87
N SER D 248 -2.65 19.87 -6.70
CA SER D 248 -1.82 20.89 -6.05
C SER D 248 -1.73 22.14 -6.91
N ARG D 249 -1.62 22.00 -8.23
CA ARG D 249 -1.48 23.15 -9.10
C ARG D 249 -2.78 23.95 -9.18
N ILE D 250 -3.90 23.26 -9.37
CA ILE D 250 -5.18 23.95 -9.51
C ILE D 250 -5.57 24.62 -8.20
N TYR D 251 -5.40 23.92 -7.07
CA TYR D 251 -5.75 24.51 -5.78
C TYR D 251 -4.88 25.72 -5.47
N HIS D 252 -3.58 25.62 -5.75
CA HIS D 252 -2.68 26.74 -5.48
C HIS D 252 -2.98 27.94 -6.38
N GLN D 253 -3.27 27.69 -7.66
CA GLN D 253 -3.54 28.78 -8.58
C GLN D 253 -4.84 29.51 -8.25
N ASN D 254 -5.74 28.88 -7.49
CA ASN D 254 -6.96 29.57 -7.08
C ASN D 254 -6.69 30.57 -5.96
N GLN D 255 -5.57 30.41 -5.25
CA GLN D 255 -5.22 31.33 -4.17
C GLN D 255 -4.52 32.57 -4.72
#